data_7BT8
#
_entry.id   7BT8
#
_cell.length_a   55.770
_cell.length_b   157.220
_cell.length_c   163.180
_cell.angle_alpha   90.000
_cell.angle_beta   90.000
_cell.angle_gamma   90.000
#
_symmetry.space_group_name_H-M   'P 2 21 21'
#
loop_
_entity.id
_entity.type
_entity.pdbx_description
1 polymer lectin
2 branched alpha-D-mannopyranose-(1-3)-[alpha-D-mannopyranose-(1-6)]beta-D-mannopyranose
3 non-polymer 1,2-ETHANEDIOL
4 non-polymer GLYCEROL
5 water water
#
_entity_poly.entity_id   1
_entity_poly.type   'polypeptide(L)'
_entity_poly.pdbx_seq_one_letter_code
;DNYIYSTEVGGVGGTPFTFMQESGTITSIKFNWSDQYKLLHHIEVKFINNANIYATGDPKGNHEVILEIDDDETIIGSVI
GYKKGNDGRCTGVKLTTSKGKSIMAGYFEESLITTYTGKLAGIKGGAGSDIDRLGLIFLK
;
_entity_poly.pdbx_strand_id   B,G,A,D,E,F,C
#
# COMPACT_ATOMS: atom_id res chain seq x y z
N ASP A 1 -12.22 2.63 -41.43
CA ASP A 1 -11.08 2.05 -40.68
C ASP A 1 -11.59 1.15 -39.54
N ASN A 2 -10.82 0.12 -39.20
CA ASN A 2 -10.95 -0.70 -37.96
C ASN A 2 -9.92 -0.20 -36.93
N TYR A 3 -9.65 1.10 -36.97
CA TYR A 3 -8.60 1.81 -36.20
C TYR A 3 -9.18 3.03 -35.46
N ILE A 4 -8.65 3.32 -34.27
CA ILE A 4 -8.89 4.55 -33.45
C ILE A 4 -7.64 5.41 -33.62
N TYR A 5 -7.81 6.68 -33.97
CA TYR A 5 -6.71 7.66 -34.13
C TYR A 5 -6.67 8.58 -32.90
N SER A 6 -5.63 8.49 -32.08
CA SER A 6 -5.43 9.40 -30.91
C SER A 6 -5.04 10.76 -31.50
N THR A 7 -5.44 11.86 -30.88
CA THR A 7 -5.03 13.24 -31.28
C THR A 7 -3.51 13.30 -31.52
N GLU A 8 -3.08 13.76 -32.70
CA GLU A 8 -1.66 14.11 -33.01
C GLU A 8 -1.31 15.36 -32.19
N VAL A 9 -0.30 15.32 -31.34
CA VAL A 9 0.00 16.44 -30.40
C VAL A 9 1.39 16.99 -30.70
N GLY A 10 1.49 18.31 -30.61
CA GLY A 10 2.70 19.11 -30.92
C GLY A 10 2.43 20.05 -32.09
N GLY A 11 3.49 20.39 -32.82
CA GLY A 11 3.46 21.44 -33.85
C GLY A 11 3.13 20.89 -35.23
N VAL A 12 3.12 21.77 -36.23
CA VAL A 12 2.69 21.50 -37.63
C VAL A 12 3.92 21.22 -38.51
N GLY A 13 5.13 21.50 -38.00
CA GLY A 13 6.42 21.29 -38.69
C GLY A 13 6.70 19.84 -39.03
N GLY A 14 7.80 19.59 -39.75
CA GLY A 14 8.32 18.26 -40.11
C GLY A 14 7.55 17.57 -41.23
N THR A 15 8.16 16.52 -41.77
CA THR A 15 7.56 15.68 -42.84
C THR A 15 6.53 14.74 -42.21
N PRO A 16 5.26 14.75 -42.66
CA PRO A 16 4.30 13.75 -42.24
C PRO A 16 4.89 12.33 -42.30
N PHE A 17 4.54 11.46 -41.36
CA PHE A 17 4.82 10.00 -41.40
C PHE A 17 3.56 9.25 -40.94
N THR A 18 3.32 8.05 -41.48
CA THR A 18 2.30 7.11 -40.98
C THR A 18 2.90 5.70 -41.02
N PHE A 19 3.08 5.07 -39.85
CA PHE A 19 3.53 3.67 -39.70
C PHE A 19 2.36 2.76 -39.36
N MET A 20 1.88 1.96 -40.34
CA MET A 20 0.74 0.99 -40.22
C MET A 20 0.94 -0.17 -41.20
N GLN A 21 0.69 -1.43 -40.82
CA GLN A 21 0.83 -2.62 -41.70
C GLN A 21 -0.57 -3.17 -41.97
N GLU A 22 -0.83 -3.81 -43.11
CA GLU A 22 -2.20 -4.15 -43.60
C GLU A 22 -2.93 -4.98 -42.54
N SER A 23 -2.32 -5.89 -41.79
CA SER A 23 -3.00 -6.62 -40.69
C SER A 23 -1.98 -6.97 -39.60
N GLY A 24 -1.22 -5.99 -39.14
CA GLY A 24 -0.11 -6.12 -38.19
C GLY A 24 -0.26 -5.13 -37.04
N THR A 25 0.35 -5.40 -35.91
CA THR A 25 0.42 -4.48 -34.74
C THR A 25 1.90 -4.28 -34.41
N ILE A 26 2.20 -3.24 -33.63
CA ILE A 26 3.58 -2.90 -33.21
C ILE A 26 4.07 -3.90 -32.16
N THR A 27 5.24 -4.50 -32.44
CA THR A 27 5.95 -5.48 -31.57
C THR A 27 7.13 -4.79 -30.92
N SER A 28 7.64 -3.70 -31.48
CA SER A 28 8.77 -2.95 -30.88
C SER A 28 8.66 -1.46 -31.24
N ILE A 29 8.92 -0.57 -30.29
CA ILE A 29 8.96 0.91 -30.53
C ILE A 29 10.09 1.51 -29.70
N LYS A 30 10.86 2.39 -30.33
CA LYS A 30 12.07 3.00 -29.74
C LYS A 30 11.92 4.52 -29.79
N PHE A 31 12.14 5.20 -28.68
CA PHE A 31 12.10 6.68 -28.58
C PHE A 31 13.52 7.17 -28.33
N ASN A 32 13.99 8.10 -29.15
CA ASN A 32 15.27 8.81 -28.95
C ASN A 32 14.96 10.21 -28.44
N TRP A 33 15.72 10.70 -27.46
CA TRP A 33 15.53 12.05 -26.89
C TRP A 33 16.86 12.59 -26.34
N SER A 34 16.86 13.89 -26.04
CA SER A 34 18.07 14.63 -25.63
C SER A 34 17.78 15.38 -24.34
N ASP A 35 18.78 15.45 -23.46
CA ASP A 35 18.71 16.32 -22.26
C ASP A 35 18.92 17.75 -22.75
N GLN A 36 19.73 17.95 -23.79
CA GLN A 36 20.05 19.32 -24.27
C GLN A 36 18.77 20.07 -24.67
N TYR A 37 17.95 19.50 -25.58
CA TYR A 37 16.71 20.14 -26.10
C TYR A 37 15.44 19.65 -25.39
N LYS A 38 15.50 18.55 -24.61
CA LYS A 38 14.35 18.05 -23.79
C LYS A 38 13.13 17.79 -24.66
N LEU A 39 13.35 17.20 -25.85
CA LEU A 39 12.33 16.76 -26.85
C LEU A 39 12.62 15.31 -27.26
N LEU A 40 11.64 14.72 -27.94
CA LEU A 40 11.84 13.48 -28.73
C LEU A 40 12.48 13.90 -30.03
N HIS A 41 13.46 13.16 -30.53
CA HIS A 41 14.14 13.43 -31.82
C HIS A 41 13.83 12.36 -32.89
N HIS A 42 13.56 11.12 -32.50
CA HIS A 42 13.58 9.95 -33.43
C HIS A 42 12.71 8.83 -32.85
N ILE A 43 11.96 8.14 -33.69
CA ILE A 43 11.14 6.97 -33.30
C ILE A 43 11.40 5.86 -34.31
N GLU A 44 11.59 4.62 -33.85
CA GLU A 44 11.63 3.42 -34.71
C GLU A 44 10.48 2.50 -34.29
N VAL A 45 9.91 1.79 -35.24
CA VAL A 45 8.81 0.84 -35.01
C VAL A 45 9.11 -0.41 -35.82
N LYS A 46 9.06 -1.58 -35.21
CA LYS A 46 8.93 -2.88 -35.92
C LYS A 46 7.50 -3.32 -35.76
N PHE A 47 7.01 -4.15 -36.69
CA PHE A 47 5.66 -4.77 -36.66
C PHE A 47 5.82 -6.28 -36.62
N ILE A 48 4.83 -6.97 -36.06
CA ILE A 48 4.59 -8.44 -36.12
C ILE A 48 4.79 -8.88 -37.59
N ASN A 49 5.56 -9.95 -37.83
CA ASN A 49 5.74 -10.62 -39.16
C ASN A 49 6.25 -9.65 -40.24
N ASN A 50 7.14 -8.70 -39.90
CA ASN A 50 7.73 -7.74 -40.86
C ASN A 50 9.06 -7.24 -40.29
N ALA A 51 10.14 -7.51 -41.02
CA ALA A 51 11.52 -7.34 -40.57
C ALA A 51 12.02 -5.95 -40.97
N ASN A 52 11.18 -5.15 -41.61
CA ASN A 52 11.51 -3.73 -41.90
C ASN A 52 11.43 -2.95 -40.58
N ILE A 53 12.37 -2.02 -40.43
CA ILE A 53 12.44 -0.99 -39.37
C ILE A 53 11.91 0.31 -39.98
N TYR A 54 10.79 0.84 -39.51
CA TYR A 54 10.27 2.16 -39.94
C TYR A 54 10.78 3.22 -38.98
N ALA A 55 11.55 4.18 -39.50
CA ALA A 55 12.19 5.24 -38.69
C ALA A 55 11.71 6.61 -39.17
N THR A 56 11.70 7.59 -38.28
CA THR A 56 11.41 9.01 -38.58
C THR A 56 12.13 9.88 -37.56
N GLY A 57 12.45 11.11 -37.96
CA GLY A 57 13.25 12.03 -37.15
C GLY A 57 14.72 11.71 -37.21
N ASP A 58 15.53 12.51 -36.53
CA ASP A 58 17.01 12.46 -36.55
C ASP A 58 17.47 11.86 -35.22
N PRO A 59 18.19 10.70 -35.19
CA PRO A 59 18.56 10.05 -33.92
C PRO A 59 19.70 10.74 -33.18
N LYS A 60 19.53 12.03 -32.87
CA LYS A 60 20.64 12.89 -32.39
C LYS A 60 20.71 12.88 -30.86
N GLY A 61 19.68 12.38 -30.18
CA GLY A 61 19.58 12.36 -28.70
C GLY A 61 20.55 11.41 -28.02
N ASN A 62 20.87 11.66 -26.74
CA ASN A 62 21.86 10.92 -25.91
C ASN A 62 21.19 9.77 -25.14
N HIS A 63 19.86 9.67 -25.19
CA HIS A 63 19.02 8.65 -24.50
C HIS A 63 18.14 7.91 -25.50
N GLU A 64 17.89 6.62 -25.29
CA GLU A 64 16.82 5.90 -26.01
C GLU A 64 16.19 4.86 -25.08
N VAL A 65 14.91 4.54 -25.31
CA VAL A 65 14.17 3.42 -24.65
C VAL A 65 13.48 2.61 -25.74
N ILE A 66 13.51 1.29 -25.61
CA ILE A 66 12.77 0.31 -26.48
C ILE A 66 11.70 -0.39 -25.63
N LEU A 67 10.45 -0.42 -26.11
CA LEU A 67 9.40 -1.26 -25.52
C LEU A 67 9.09 -2.39 -26.47
N GLU A 68 9.34 -3.65 -26.08
CA GLU A 68 8.91 -4.83 -26.88
C GLU A 68 7.56 -5.25 -26.37
N ILE A 69 6.63 -5.56 -27.27
CA ILE A 69 5.19 -5.81 -26.97
C ILE A 69 4.87 -7.23 -27.42
N ASP A 70 4.47 -8.10 -26.50
CA ASP A 70 4.04 -9.50 -26.77
C ASP A 70 2.76 -9.38 -27.61
N ASP A 71 2.38 -10.43 -28.32
CA ASP A 71 1.34 -10.35 -29.37
C ASP A 71 0.01 -10.01 -28.68
N ASP A 72 -0.20 -10.51 -27.46
CA ASP A 72 -1.53 -10.41 -26.81
C ASP A 72 -1.52 -9.23 -25.84
N GLU A 73 -0.49 -8.37 -25.91
CA GLU A 73 -0.19 -7.29 -24.95
C GLU A 73 -0.77 -5.97 -25.48
N THR A 74 -1.56 -5.30 -24.65
CA THR A 74 -2.21 -4.01 -24.96
C THR A 74 -1.58 -2.91 -24.11
N ILE A 75 -1.81 -1.67 -24.50
CA ILE A 75 -1.54 -0.45 -23.71
C ILE A 75 -2.81 -0.18 -22.89
N ILE A 76 -2.64 -0.03 -21.58
CA ILE A 76 -3.72 0.29 -20.58
C ILE A 76 -3.52 1.71 -20.06
N GLY A 77 -2.33 2.27 -20.25
CA GLY A 77 -1.97 3.63 -19.82
C GLY A 77 -0.96 4.22 -20.77
N SER A 78 -1.27 5.43 -21.26
CA SER A 78 -0.52 6.13 -22.31
C SER A 78 -0.61 7.63 -22.08
N VAL A 79 0.53 8.28 -21.90
CA VAL A 79 0.59 9.77 -21.78
C VAL A 79 1.72 10.30 -22.67
N ILE A 80 1.42 11.33 -23.46
CA ILE A 80 2.41 12.01 -24.33
C ILE A 80 2.56 13.43 -23.80
N GLY A 81 3.80 13.83 -23.54
CA GLY A 81 4.16 15.22 -23.22
C GLY A 81 4.53 15.99 -24.47
N TYR A 82 4.11 17.25 -24.57
CA TYR A 82 4.38 18.08 -25.76
C TYR A 82 4.37 19.55 -25.40
N LYS A 83 4.92 20.36 -26.31
CA LYS A 83 4.75 21.83 -26.38
C LYS A 83 3.63 22.10 -27.38
N LYS A 84 2.56 22.77 -26.94
CA LYS A 84 1.42 23.13 -27.81
C LYS A 84 1.88 24.25 -28.75
N GLY A 85 1.02 24.58 -29.72
CA GLY A 85 1.22 25.67 -30.69
C GLY A 85 1.80 25.16 -31.99
N ASN A 86 1.66 25.96 -33.06
CA ASN A 86 2.17 25.66 -34.42
C ASN A 86 3.64 25.30 -34.32
N ASP A 87 4.43 26.01 -33.52
CA ASP A 87 5.89 25.73 -33.35
C ASP A 87 6.09 24.65 -32.26
N GLY A 88 5.06 23.81 -32.06
CA GLY A 88 5.01 22.74 -31.04
C GLY A 88 5.95 21.59 -31.36
N ARG A 89 6.27 20.80 -30.33
CA ARG A 89 7.12 19.59 -30.37
C ARG A 89 6.52 18.54 -29.44
N CYS A 90 6.84 17.29 -29.66
CA CYS A 90 6.49 16.20 -28.74
C CYS A 90 7.71 15.96 -27.81
N THR A 91 7.53 16.05 -26.50
CA THR A 91 8.67 16.11 -25.54
C THR A 91 8.90 14.77 -24.84
N GLY A 92 7.87 13.93 -24.67
CA GLY A 92 8.01 12.69 -23.89
C GLY A 92 6.86 11.71 -24.09
N VAL A 93 7.07 10.44 -23.70
CA VAL A 93 6.03 9.38 -23.77
C VAL A 93 6.15 8.43 -22.56
N LYS A 94 5.02 8.17 -21.90
CA LYS A 94 4.88 7.17 -20.81
C LYS A 94 3.91 6.15 -21.39
N LEU A 95 4.30 4.89 -21.47
CA LEU A 95 3.39 3.79 -21.90
C LEU A 95 3.36 2.76 -20.78
N THR A 96 2.19 2.20 -20.49
CA THR A 96 2.03 1.06 -19.54
C THR A 96 1.18 -0.02 -20.20
N THR A 97 1.63 -1.26 -20.16
CA THR A 97 0.99 -2.40 -20.89
C THR A 97 0.14 -3.21 -19.91
N SER A 98 -0.68 -4.10 -20.46
CA SER A 98 -1.51 -5.10 -19.73
C SER A 98 -0.65 -6.14 -19.01
N LYS A 99 0.67 -6.17 -19.14
CA LYS A 99 1.52 -7.17 -18.44
C LYS A 99 2.43 -6.46 -17.44
N GLY A 100 2.05 -5.24 -17.03
CA GLY A 100 2.77 -4.40 -16.06
C GLY A 100 4.08 -3.88 -16.58
N LYS A 101 4.37 -4.01 -17.87
CA LYS A 101 5.61 -3.38 -18.42
C LYS A 101 5.28 -1.90 -18.59
N SER A 102 6.22 -1.04 -18.28
CA SER A 102 6.10 0.39 -18.63
C SER A 102 7.44 0.91 -19.14
N ILE A 103 7.38 2.00 -19.91
CA ILE A 103 8.57 2.79 -20.33
C ILE A 103 8.28 4.27 -20.12
N MET A 104 9.32 5.07 -20.14
CA MET A 104 9.27 6.53 -19.90
C MET A 104 10.42 7.14 -20.69
N ALA A 105 10.11 7.95 -21.69
CA ALA A 105 11.09 8.64 -22.56
C ALA A 105 10.86 10.15 -22.47
N GLY A 106 11.93 10.91 -22.26
CA GLY A 106 11.92 12.36 -22.49
C GLY A 106 11.33 13.07 -21.31
N TYR A 107 10.67 14.21 -21.56
CA TYR A 107 10.30 15.23 -20.55
C TYR A 107 8.80 15.52 -20.61
N PHE A 108 8.25 16.02 -19.51
CA PHE A 108 6.79 16.29 -19.35
C PHE A 108 6.60 17.67 -18.70
N GLU A 109 7.16 18.72 -19.31
CA GLU A 109 7.34 20.03 -18.64
C GLU A 109 6.23 21.00 -19.03
N GLU A 110 5.38 20.69 -20.00
CA GLU A 110 4.42 21.72 -20.47
C GLU A 110 3.00 21.16 -20.57
N SER A 111 2.68 20.41 -21.62
CA SER A 111 1.32 19.92 -21.89
C SER A 111 1.29 18.38 -21.89
N LEU A 112 0.09 17.79 -21.74
CA LEU A 112 -0.07 16.32 -21.62
C LEU A 112 -1.33 15.85 -22.33
N ILE A 113 -1.26 14.71 -22.97
CA ILE A 113 -2.49 13.99 -23.37
C ILE A 113 -2.48 12.63 -22.67
N THR A 114 -3.59 12.29 -22.04
CA THR A 114 -3.92 10.88 -21.68
C THR A 114 -4.75 10.34 -22.85
N THR A 115 -4.21 9.38 -23.59
CA THR A 115 -4.76 8.97 -24.89
C THR A 115 -5.74 7.83 -24.75
N TYR A 116 -6.40 7.48 -25.85
CA TYR A 116 -7.16 6.23 -25.92
C TYR A 116 -6.20 5.09 -25.56
N THR A 117 -6.76 3.98 -25.07
CA THR A 117 -6.03 2.73 -24.76
C THR A 117 -6.42 1.65 -25.76
N GLY A 118 -5.70 0.54 -25.77
CA GLY A 118 -5.96 -0.59 -26.66
C GLY A 118 -4.69 -1.20 -27.23
N LYS A 119 -4.84 -1.94 -28.34
CA LYS A 119 -3.74 -2.68 -29.01
C LYS A 119 -3.03 -1.70 -29.92
N LEU A 120 -1.79 -1.33 -29.61
CA LEU A 120 -1.05 -0.33 -30.40
C LEU A 120 -0.74 -0.95 -31.75
N ALA A 121 -1.30 -0.34 -32.82
CA ALA A 121 -1.29 -0.81 -34.22
C ALA A 121 -0.40 0.07 -35.10
N GLY A 122 -0.17 1.33 -34.71
CA GLY A 122 0.61 2.27 -35.53
C GLY A 122 0.79 3.60 -34.84
N ILE A 123 1.54 4.49 -35.49
CA ILE A 123 1.77 5.89 -35.08
C ILE A 123 1.78 6.72 -36.37
N LYS A 124 1.73 8.04 -36.20
CA LYS A 124 1.38 9.04 -37.23
C LYS A 124 1.70 10.40 -36.63
N GLY A 125 2.41 11.23 -37.39
CA GLY A 125 2.75 12.59 -36.97
C GLY A 125 3.62 13.24 -38.02
N GLY A 126 4.48 14.15 -37.58
CA GLY A 126 5.48 14.84 -38.41
C GLY A 126 6.78 14.92 -37.66
N ALA A 127 7.90 14.78 -38.37
CA ALA A 127 9.26 14.88 -37.81
C ALA A 127 10.21 15.42 -38.88
N GLY A 128 11.19 16.21 -38.45
CA GLY A 128 12.48 16.39 -39.13
C GLY A 128 13.67 16.17 -38.20
N SER A 129 14.27 17.25 -37.69
CA SER A 129 15.33 17.18 -36.66
C SER A 129 14.74 16.58 -35.39
N ASP A 130 13.47 16.89 -35.15
CA ASP A 130 12.74 16.59 -33.90
C ASP A 130 11.47 15.82 -34.29
N ILE A 131 10.80 15.22 -33.30
CA ILE A 131 9.40 14.74 -33.45
C ILE A 131 8.53 15.96 -33.22
N ASP A 132 7.93 16.44 -34.29
CA ASP A 132 7.10 17.66 -34.30
C ASP A 132 5.78 17.31 -33.63
N ARG A 133 5.16 16.25 -34.12
CA ARG A 133 3.83 15.84 -33.63
C ARG A 133 3.74 14.32 -33.60
N LEU A 134 2.97 13.76 -32.67
CA LEU A 134 2.82 12.30 -32.49
C LEU A 134 1.38 11.96 -32.13
N GLY A 135 0.84 10.95 -32.79
CA GLY A 135 -0.49 10.40 -32.49
C GLY A 135 -0.48 8.90 -32.58
N LEU A 136 -1.15 8.23 -31.66
CA LEU A 136 -1.07 6.77 -31.58
C LEU A 136 -2.27 6.28 -32.37
N ILE A 137 -2.19 5.06 -32.87
CA ILE A 137 -3.29 4.40 -33.62
C ILE A 137 -3.54 3.07 -32.91
N PHE A 138 -4.79 2.76 -32.60
CA PHE A 138 -5.15 1.51 -31.89
C PHE A 138 -6.10 0.66 -32.73
N LEU A 139 -6.09 -0.66 -32.55
CA LEU A 139 -7.16 -1.60 -33.03
C LEU A 139 -8.45 -1.40 -32.22
N LYS A 140 -9.60 -1.79 -32.77
CA LYS A 140 -10.89 -1.89 -32.03
C LYS A 140 -11.15 -3.38 -31.70
N TYR B 3 -30.12 13.00 -19.16
CA TYR B 3 -29.05 13.94 -18.74
C TYR B 3 -29.21 14.32 -17.25
N ILE B 4 -28.10 14.24 -16.48
CA ILE B 4 -27.85 14.76 -15.08
C ILE B 4 -26.99 16.03 -15.17
N TYR B 5 -27.45 17.17 -14.67
CA TYR B 5 -26.67 18.44 -14.74
C TYR B 5 -25.98 18.64 -13.37
N SER B 6 -24.65 18.63 -13.34
CA SER B 6 -23.80 18.91 -12.14
C SER B 6 -23.81 20.43 -11.92
N THR B 7 -23.82 20.87 -10.66
CA THR B 7 -23.79 22.31 -10.27
C THR B 7 -22.74 23.01 -11.13
N GLU B 8 -23.09 24.11 -11.78
CA GLU B 8 -22.09 25.00 -12.42
C GLU B 8 -21.39 25.76 -11.30
N VAL B 9 -20.07 25.69 -11.19
CA VAL B 9 -19.35 26.38 -10.07
C VAL B 9 -18.48 27.50 -10.64
N GLY B 10 -18.31 28.55 -9.86
CA GLY B 10 -17.60 29.78 -10.26
C GLY B 10 -18.57 30.94 -10.45
N GLY B 11 -18.15 31.97 -11.20
CA GLY B 11 -18.82 33.29 -11.30
C GLY B 11 -19.98 33.32 -12.30
N VAL B 12 -20.62 34.48 -12.41
CA VAL B 12 -21.78 34.74 -13.31
C VAL B 12 -21.27 35.42 -14.60
N GLY B 13 -20.01 35.86 -14.62
CA GLY B 13 -19.34 36.49 -15.78
C GLY B 13 -19.25 35.62 -17.04
N GLY B 14 -18.77 36.22 -18.15
CA GLY B 14 -18.57 35.63 -19.49
C GLY B 14 -19.86 35.23 -20.22
N THR B 15 -19.72 34.76 -21.46
CA THR B 15 -20.80 34.32 -22.37
C THR B 15 -21.23 32.89 -22.07
N PRO B 16 -22.54 32.62 -21.88
CA PRO B 16 -23.00 31.24 -21.74
C PRO B 16 -22.51 30.31 -22.87
N PHE B 17 -22.26 29.05 -22.53
CA PHE B 17 -22.03 27.96 -23.51
C PHE B 17 -22.80 26.73 -23.03
N THR B 18 -23.18 25.88 -23.99
CA THR B 18 -23.74 24.51 -23.77
C THR B 18 -23.27 23.62 -24.91
N PHE B 19 -22.46 22.62 -24.58
CA PHE B 19 -21.93 21.64 -25.55
C PHE B 19 -22.62 20.32 -25.22
N MET B 20 -23.59 19.88 -26.04
CA MET B 20 -24.33 18.59 -25.83
C MET B 20 -24.84 18.00 -27.19
N THR B 25 -21.90 11.57 -26.84
CA THR B 25 -21.05 11.62 -25.60
C THR B 25 -19.64 12.11 -25.94
N ILE B 26 -18.97 12.73 -24.97
CA ILE B 26 -17.61 13.35 -25.13
C ILE B 26 -16.58 12.23 -25.35
N THR B 27 -15.77 12.39 -26.41
CA THR B 27 -14.67 11.48 -26.77
C THR B 27 -13.33 12.15 -26.44
N SER B 28 -13.29 13.48 -26.34
CA SER B 28 -12.05 14.24 -26.11
C SER B 28 -12.39 15.54 -25.38
N ILE B 29 -11.66 15.91 -24.31
CA ILE B 29 -11.81 17.24 -23.63
C ILE B 29 -10.42 17.84 -23.32
N LYS B 30 -10.28 19.15 -23.55
CA LYS B 30 -8.99 19.87 -23.41
C LYS B 30 -9.21 21.04 -22.46
N PHE B 31 -8.34 21.16 -21.47
CA PHE B 31 -8.34 22.27 -20.48
C PHE B 31 -7.04 23.05 -20.68
N ASN B 32 -7.19 24.37 -20.85
CA ASN B 32 -6.07 25.33 -20.99
C ASN B 32 -6.07 26.17 -19.71
N TRP B 33 -4.93 26.28 -19.05
CA TRP B 33 -4.79 27.11 -17.83
C TRP B 33 -3.44 27.82 -17.85
N SER B 34 -3.25 28.81 -16.97
CA SER B 34 -2.02 29.64 -16.81
C SER B 34 -1.47 29.53 -15.40
N ASP B 35 -0.15 29.58 -15.25
CA ASP B 35 0.51 29.73 -13.94
C ASP B 35 0.34 31.18 -13.45
N GLN B 36 0.16 32.14 -14.39
CA GLN B 36 0.12 33.60 -14.08
C GLN B 36 -1.14 33.90 -13.26
N TYR B 37 -2.30 33.45 -13.72
CA TYR B 37 -3.62 33.75 -13.09
C TYR B 37 -4.14 32.54 -12.29
N LYS B 38 -3.54 31.36 -12.47
CA LYS B 38 -3.95 30.12 -11.76
C LYS B 38 -5.47 29.89 -11.96
N LEU B 39 -5.94 29.98 -13.20
CA LEU B 39 -7.35 29.67 -13.61
C LEU B 39 -7.34 28.86 -14.90
N LEU B 40 -8.49 28.29 -15.22
CA LEU B 40 -8.77 27.77 -16.57
C LEU B 40 -9.14 28.97 -17.44
N HIS B 41 -8.62 28.99 -18.66
CA HIS B 41 -8.94 30.04 -19.65
C HIS B 41 -9.80 29.46 -20.78
N HIS B 42 -9.49 28.25 -21.26
CA HIS B 42 -10.03 27.70 -22.52
C HIS B 42 -10.37 26.21 -22.38
N ILE B 43 -11.48 25.77 -22.96
CA ILE B 43 -11.91 24.34 -23.00
C ILE B 43 -12.31 23.99 -24.44
N GLU B 44 -11.78 22.89 -24.97
CA GLU B 44 -12.26 22.26 -26.24
C GLU B 44 -12.90 20.91 -25.92
N VAL B 45 -13.91 20.52 -26.71
CA VAL B 45 -14.65 19.24 -26.59
C VAL B 45 -14.81 18.65 -28.00
N LYS B 46 -14.55 17.35 -28.20
CA LYS B 46 -14.96 16.59 -29.42
C LYS B 46 -15.97 15.55 -28.95
N PHE B 47 -16.94 15.21 -29.80
CA PHE B 47 -17.97 14.17 -29.55
C PHE B 47 -17.77 12.98 -30.49
N ILE B 48 -18.26 11.81 -30.04
CA ILE B 48 -18.40 10.56 -30.84
C ILE B 48 -19.13 10.95 -32.13
N ASN B 49 -18.70 10.37 -33.29
CA ASN B 49 -19.36 10.49 -34.62
C ASN B 49 -19.56 11.98 -35.03
N ASN B 50 -18.62 12.89 -34.71
CA ASN B 50 -18.68 14.34 -35.06
C ASN B 50 -17.28 14.99 -34.95
N ALA B 51 -16.81 15.56 -36.04
CA ALA B 51 -15.44 16.12 -36.20
C ALA B 51 -15.40 17.62 -35.83
N ASN B 52 -16.56 18.27 -35.62
CA ASN B 52 -16.57 19.68 -35.14
C ASN B 52 -15.90 19.73 -33.74
N ILE B 53 -14.95 20.66 -33.56
CA ILE B 53 -14.30 21.02 -32.26
C ILE B 53 -15.06 22.20 -31.63
N TYR B 54 -15.71 22.01 -30.47
CA TYR B 54 -16.44 23.07 -29.73
C TYR B 54 -15.49 23.73 -28.72
N ALA B 55 -15.18 25.00 -28.90
CA ALA B 55 -14.27 25.80 -28.03
C ALA B 55 -15.02 26.91 -27.29
N THR B 56 -14.46 27.36 -26.17
CA THR B 56 -14.95 28.50 -25.35
C THR B 56 -13.82 28.98 -24.45
N GLY B 57 -13.89 30.23 -24.03
CA GLY B 57 -12.80 30.94 -23.36
C GLY B 57 -11.62 31.19 -24.30
N ASP B 58 -10.55 31.81 -23.80
CA ASP B 58 -9.44 32.32 -24.64
C ASP B 58 -8.20 31.48 -24.37
N PRO B 59 -7.62 30.77 -25.36
CA PRO B 59 -6.45 29.91 -25.12
C PRO B 59 -5.18 30.69 -24.78
N LYS B 60 -5.23 31.46 -23.69
CA LYS B 60 -4.16 32.39 -23.23
C LYS B 60 -3.13 31.61 -22.40
N GLY B 61 -3.49 30.44 -21.87
CA GLY B 61 -2.69 29.78 -20.83
C GLY B 61 -1.46 29.07 -21.37
N ASN B 62 -0.43 28.92 -20.53
CA ASN B 62 0.86 28.29 -20.94
C ASN B 62 0.84 26.77 -20.76
N HIS B 63 -0.27 26.14 -20.35
CA HIS B 63 -0.40 24.68 -20.14
C HIS B 63 -1.71 24.22 -20.75
N GLU B 64 -1.74 23.01 -21.32
CA GLU B 64 -3.02 22.34 -21.67
C GLU B 64 -2.92 20.84 -21.37
N VAL B 65 -4.08 20.22 -21.04
CA VAL B 65 -4.18 18.73 -20.94
C VAL B 65 -5.34 18.28 -21.81
N ILE B 66 -5.18 17.12 -22.44
CA ILE B 66 -6.27 16.42 -23.17
C ILE B 66 -6.57 15.09 -22.48
N LEU B 67 -7.84 14.81 -22.20
CA LEU B 67 -8.34 13.47 -21.85
C LEU B 67 -9.12 12.91 -23.03
N GLU B 68 -8.70 11.79 -23.62
CA GLU B 68 -9.47 11.05 -24.66
C GLU B 68 -10.25 9.95 -23.95
N ILE B 69 -11.56 9.85 -24.21
CA ILE B 69 -12.46 8.90 -23.50
C ILE B 69 -12.97 7.81 -24.46
N ASP B 70 -12.72 6.54 -24.15
CA ASP B 70 -13.15 5.36 -24.97
C ASP B 70 -14.69 5.33 -24.92
N ASP B 71 -15.36 4.66 -25.88
CA ASP B 71 -16.83 4.78 -26.08
C ASP B 71 -17.52 4.24 -24.81
N ASP B 72 -16.94 3.25 -24.14
CA ASP B 72 -17.51 2.57 -22.95
C ASP B 72 -16.84 3.06 -21.66
N GLU B 73 -16.16 4.20 -21.71
CA GLU B 73 -15.42 4.73 -20.53
C GLU B 73 -16.31 5.71 -19.75
N THR B 74 -16.21 5.72 -18.42
CA THR B 74 -17.04 6.60 -17.57
C THR B 74 -16.13 7.41 -16.65
N ILE B 75 -16.64 8.53 -16.15
CA ILE B 75 -15.97 9.30 -15.08
C ILE B 75 -16.40 8.68 -13.74
N ILE B 76 -15.46 8.10 -12.98
CA ILE B 76 -15.75 7.48 -11.66
C ILE B 76 -15.34 8.47 -10.57
N GLY B 77 -14.68 9.56 -10.99
CA GLY B 77 -14.12 10.57 -10.08
C GLY B 77 -13.94 11.89 -10.80
N SER B 78 -14.36 13.00 -10.19
CA SER B 78 -14.40 14.32 -10.82
C SER B 78 -14.44 15.41 -9.76
N VAL B 79 -13.46 16.29 -9.77
CA VAL B 79 -13.33 17.41 -8.80
C VAL B 79 -13.03 18.69 -9.59
N ILE B 80 -13.81 19.74 -9.37
CA ILE B 80 -13.56 21.07 -9.99
C ILE B 80 -13.21 22.01 -8.86
N GLY B 81 -12.02 22.60 -8.87
CA GLY B 81 -11.61 23.74 -8.03
C GLY B 81 -12.09 25.07 -8.63
N TYR B 82 -12.40 26.04 -7.77
CA TYR B 82 -13.04 27.32 -8.18
C TYR B 82 -12.96 28.35 -7.08
N LYS B 83 -13.15 29.62 -7.50
CA LYS B 83 -13.36 30.79 -6.61
C LYS B 83 -14.87 30.98 -6.53
N LYS B 84 -15.44 30.93 -5.33
CA LYS B 84 -16.89 31.17 -5.11
C LYS B 84 -17.12 32.67 -5.21
N GLY B 85 -18.36 33.09 -5.43
CA GLY B 85 -18.70 34.52 -5.54
C GLY B 85 -19.20 34.84 -6.92
N ASN B 86 -19.86 35.99 -7.08
CA ASN B 86 -20.39 36.46 -8.38
C ASN B 86 -19.17 36.72 -9.26
N ASP B 87 -18.05 37.17 -8.68
CA ASP B 87 -16.75 37.39 -9.39
C ASP B 87 -15.92 36.10 -9.32
N GLY B 88 -16.60 34.96 -9.38
CA GLY B 88 -16.01 33.61 -9.33
C GLY B 88 -15.35 33.19 -10.64
N ARG B 89 -14.48 32.18 -10.56
CA ARG B 89 -13.73 31.54 -11.68
C ARG B 89 -13.56 30.03 -11.40
N CYS B 90 -13.59 29.17 -12.43
CA CYS B 90 -13.02 27.80 -12.35
C CYS B 90 -11.50 27.85 -12.37
N THR B 91 -10.87 27.21 -11.40
CA THR B 91 -9.40 27.21 -11.25
C THR B 91 -8.82 25.88 -11.73
N GLY B 92 -9.57 24.77 -11.67
CA GLY B 92 -8.96 23.44 -11.84
C GLY B 92 -9.95 22.31 -12.08
N VAL B 93 -9.53 21.24 -12.76
CA VAL B 93 -10.36 20.03 -12.94
C VAL B 93 -9.47 18.82 -12.73
N LYS B 94 -9.94 17.81 -11.99
CA LYS B 94 -9.28 16.48 -11.86
C LYS B 94 -10.34 15.45 -12.32
N LEU B 95 -10.05 14.62 -13.31
CA LEU B 95 -11.01 13.57 -13.76
C LEU B 95 -10.30 12.23 -13.70
N THR B 96 -11.03 11.20 -13.25
CA THR B 96 -10.58 9.79 -13.18
C THR B 96 -11.65 8.91 -13.83
N THR B 97 -11.22 8.00 -14.69
CA THR B 97 -12.10 7.18 -15.55
C THR B 97 -12.19 5.74 -15.02
N SER B 98 -13.16 5.00 -15.52
CA SER B 98 -13.36 3.56 -15.25
C SER B 98 -12.16 2.74 -15.76
N LYS B 99 -11.20 3.31 -16.48
CA LYS B 99 -10.04 2.52 -16.99
C LYS B 99 -8.74 2.98 -16.33
N GLY B 100 -8.81 3.70 -15.20
CA GLY B 100 -7.62 4.14 -14.43
C GLY B 100 -6.91 5.31 -15.08
N LYS B 101 -7.49 5.86 -16.13
CA LYS B 101 -7.01 7.12 -16.77
C LYS B 101 -7.39 8.27 -15.84
N SER B 102 -6.56 9.30 -15.77
CA SER B 102 -6.80 10.49 -14.94
C SER B 102 -6.09 11.71 -15.54
N ILE B 103 -6.64 12.89 -15.34
CA ILE B 103 -6.01 14.17 -15.73
C ILE B 103 -6.20 15.19 -14.61
N MET B 104 -5.39 16.23 -14.67
CA MET B 104 -5.29 17.26 -13.64
C MET B 104 -4.91 18.56 -14.34
N ALA B 105 -5.79 19.55 -14.33
CA ALA B 105 -5.56 20.89 -14.93
C ALA B 105 -5.72 21.95 -13.85
N GLY B 106 -4.78 22.88 -13.77
CA GLY B 106 -4.94 24.12 -13.02
C GLY B 106 -4.64 23.96 -11.55
N TYR B 107 -5.44 24.62 -10.72
CA TYR B 107 -5.12 24.89 -9.31
C TYR B 107 -6.38 24.68 -8.47
N PHE B 108 -6.17 24.33 -7.20
CA PHE B 108 -7.23 23.91 -6.25
C PHE B 108 -6.98 24.63 -4.92
N GLU B 109 -7.09 25.95 -4.93
CA GLU B 109 -6.59 26.79 -3.83
C GLU B 109 -7.74 27.36 -3.00
N GLU B 110 -9.01 27.22 -3.37
CA GLU B 110 -10.10 27.86 -2.58
C GLU B 110 -11.27 26.88 -2.33
N SER B 111 -12.13 26.64 -3.31
CA SER B 111 -13.35 25.82 -3.17
C SER B 111 -13.28 24.64 -4.13
N LEU B 112 -14.11 23.61 -3.88
CA LEU B 112 -14.06 22.31 -4.57
C LEU B 112 -15.46 21.77 -4.65
N ILE B 113 -15.79 21.13 -5.76
CA ILE B 113 -17.00 20.28 -5.86
C ILE B 113 -16.50 18.91 -6.26
N THR B 114 -17.02 17.87 -5.62
CA THR B 114 -16.92 16.46 -6.06
C THR B 114 -18.24 16.18 -6.76
N THR B 115 -18.21 15.95 -8.06
CA THR B 115 -19.46 15.97 -8.85
C THR B 115 -20.11 14.59 -8.87
N TYR B 116 -21.33 14.55 -9.37
CA TYR B 116 -21.97 13.32 -9.85
C TYR B 116 -20.93 12.61 -10.74
N THR B 117 -21.01 11.29 -10.82
CA THR B 117 -20.25 10.46 -11.77
C THR B 117 -21.20 9.90 -12.82
N GLY B 118 -20.62 9.20 -13.80
CA GLY B 118 -21.32 8.61 -14.96
C GLY B 118 -20.60 8.93 -16.26
N LYS B 119 -21.32 8.79 -17.36
CA LYS B 119 -20.82 8.94 -18.75
C LYS B 119 -20.87 10.42 -19.09
N LEU B 120 -19.71 11.04 -19.20
CA LEU B 120 -19.62 12.50 -19.47
C LEU B 120 -20.19 12.77 -20.88
N ALA B 121 -21.31 13.50 -20.93
CA ALA B 121 -22.13 13.75 -22.15
C ALA B 121 -22.10 15.22 -22.58
N GLY B 122 -21.53 16.14 -21.78
CA GLY B 122 -21.48 17.55 -22.21
C GLY B 122 -21.03 18.47 -21.10
N ILE B 123 -20.89 19.75 -21.40
CA ILE B 123 -20.47 20.78 -20.41
C ILE B 123 -21.27 22.05 -20.69
N LYS B 124 -21.62 22.77 -19.62
CA LYS B 124 -22.34 24.07 -19.63
C LYS B 124 -21.58 25.00 -18.70
N GLY B 125 -21.64 26.29 -18.98
CA GLY B 125 -20.98 27.30 -18.13
C GLY B 125 -20.95 28.64 -18.81
N GLY B 126 -19.96 29.44 -18.45
CA GLY B 126 -19.73 30.78 -18.99
C GLY B 126 -18.25 31.07 -19.06
N ALA B 127 -17.80 31.55 -20.21
CA ALA B 127 -16.39 31.88 -20.46
C ALA B 127 -16.31 33.23 -21.18
N GLY B 128 -15.21 33.92 -20.98
CA GLY B 128 -14.82 35.07 -21.80
C GLY B 128 -13.33 35.01 -21.96
N SER B 129 -12.65 35.80 -21.16
CA SER B 129 -11.18 35.83 -21.07
C SER B 129 -10.72 34.55 -20.38
N ASP B 130 -11.52 34.13 -19.37
CA ASP B 130 -11.28 32.94 -18.51
C ASP B 130 -12.52 32.05 -18.55
N ILE B 131 -12.45 30.85 -17.95
CA ILE B 131 -13.64 30.01 -17.65
C ILE B 131 -14.23 30.53 -16.35
N ASP B 132 -15.40 31.18 -16.45
CA ASP B 132 -16.04 31.88 -15.31
C ASP B 132 -16.71 30.81 -14.45
N ARG B 133 -17.46 29.89 -15.08
CA ARG B 133 -18.31 28.88 -14.40
C ARG B 133 -18.29 27.60 -15.26
N LEU B 134 -18.32 26.41 -14.66
CA LEU B 134 -18.30 25.12 -15.41
C LEU B 134 -19.17 24.11 -14.68
N GLY B 135 -20.02 23.41 -15.41
CA GLY B 135 -20.79 22.28 -14.88
C GLY B 135 -20.65 21.11 -15.81
N LEU B 136 -20.59 19.90 -15.30
CA LEU B 136 -20.55 18.73 -16.19
C LEU B 136 -21.99 18.33 -16.42
N ILE B 137 -22.22 17.51 -17.44
CA ILE B 137 -23.53 16.91 -17.79
C ILE B 137 -23.26 15.44 -18.05
N PHE B 138 -24.05 14.54 -17.48
CA PHE B 138 -23.82 13.07 -17.58
C PHE B 138 -25.06 12.42 -18.23
N LEU B 139 -24.92 11.21 -18.81
CA LEU B 139 -26.05 10.33 -19.20
C LEU B 139 -26.62 9.64 -17.94
N LYS B 140 -27.90 9.28 -17.94
CA LYS B 140 -28.47 8.30 -16.99
C LYS B 140 -28.19 6.92 -17.62
N ASP C 1 2.07 -36.76 21.89
CA ASP C 1 1.17 -35.62 22.17
C ASP C 1 0.46 -35.23 20.86
N ASN C 2 -0.63 -34.48 20.92
CA ASN C 2 -1.28 -33.85 19.74
C ASN C 2 -0.91 -32.38 19.74
N TYR C 3 0.33 -32.06 20.11
CA TYR C 3 0.80 -30.67 20.33
C TYR C 3 2.13 -30.46 19.60
N ILE C 4 2.37 -29.23 19.16
CA ILE C 4 3.66 -28.76 18.59
C ILE C 4 4.35 -27.92 19.65
N TYR C 5 5.61 -28.19 19.95
CA TYR C 5 6.38 -27.46 20.99
C TYR C 5 7.43 -26.58 20.29
N SER C 6 7.23 -25.28 20.38
CA SER C 6 8.21 -24.28 19.90
C SER C 6 9.46 -24.43 20.79
N THR C 7 10.64 -24.22 20.20
CA THR C 7 11.93 -24.09 20.92
C THR C 7 11.77 -23.15 22.11
N GLU C 8 12.19 -23.57 23.31
CA GLU C 8 12.25 -22.69 24.50
C GLU C 8 13.47 -21.78 24.32
N VAL C 9 13.30 -20.47 24.33
CA VAL C 9 14.43 -19.56 24.03
C VAL C 9 14.73 -18.75 25.30
N GLY C 10 16.03 -18.55 25.58
CA GLY C 10 16.56 -17.90 26.79
C GLY C 10 17.56 -18.79 27.51
N GLY C 11 17.66 -18.62 28.83
CA GLY C 11 18.67 -19.28 29.67
C GLY C 11 18.15 -20.54 30.33
N VAL C 12 18.96 -21.15 31.19
CA VAL C 12 18.65 -22.44 31.88
C VAL C 12 18.15 -22.16 33.29
N GLY C 13 18.18 -20.88 33.71
CA GLY C 13 17.73 -20.41 35.03
C GLY C 13 16.24 -20.68 35.25
N GLY C 14 15.78 -20.39 36.46
CA GLY C 14 14.35 -20.33 36.84
C GLY C 14 13.78 -21.67 37.25
N THR C 15 12.66 -21.63 37.94
CA THR C 15 11.84 -22.84 38.19
C THR C 15 11.12 -23.18 36.89
N PRO C 16 11.24 -24.42 36.40
CA PRO C 16 10.44 -24.84 35.25
C PRO C 16 8.94 -24.63 35.46
N PHE C 17 8.22 -24.32 34.38
CA PHE C 17 6.73 -24.26 34.35
C PHE C 17 6.20 -24.83 33.04
N THR C 18 5.02 -25.44 33.13
CA THR C 18 4.23 -25.95 31.97
C THR C 18 2.76 -25.65 32.20
N PHE C 19 2.16 -24.83 31.36
CA PHE C 19 0.72 -24.50 31.42
C PHE C 19 0.03 -25.07 30.18
N MET C 20 -0.68 -26.20 30.37
CA MET C 20 -1.54 -26.94 29.41
C MET C 20 -2.82 -27.43 30.14
N GLN C 21 -3.98 -27.62 29.49
CA GLN C 21 -5.24 -28.11 30.15
C GLN C 21 -5.93 -29.23 29.35
N THR C 25 -7.39 -24.79 25.33
CA THR C 25 -6.55 -23.76 24.66
C THR C 25 -6.61 -22.41 25.39
N ILE C 26 -5.59 -21.59 25.17
CA ILE C 26 -5.45 -20.29 25.85
C ILE C 26 -6.54 -19.33 25.35
N THR C 27 -7.25 -18.69 26.29
CA THR C 27 -8.24 -17.63 25.99
C THR C 27 -7.66 -16.25 26.35
N SER C 28 -6.59 -16.22 27.14
CA SER C 28 -5.98 -14.95 27.59
C SER C 28 -4.51 -15.17 28.00
N ILE C 29 -3.62 -14.28 27.59
CA ILE C 29 -2.19 -14.30 28.02
C ILE C 29 -1.75 -12.87 28.33
N LYS C 30 -1.06 -12.68 29.48
CA LYS C 30 -0.61 -11.36 29.99
C LYS C 30 0.91 -11.41 30.15
N PHE C 31 1.61 -10.44 29.58
CA PHE C 31 3.08 -10.26 29.63
C PHE C 31 3.41 -9.02 30.49
N ASN C 32 4.19 -9.22 31.55
CA ASN C 32 4.70 -8.13 32.43
C ASN C 32 6.18 -7.93 32.07
N TRP C 33 6.60 -6.69 31.84
CA TRP C 33 8.01 -6.37 31.48
C TRP C 33 8.40 -5.03 32.09
N SER C 34 9.71 -4.74 32.14
CA SER C 34 10.25 -3.51 32.76
C SER C 34 11.06 -2.71 31.74
N ASP C 35 11.09 -1.40 31.91
CA ASP C 35 11.99 -0.51 31.12
C ASP C 35 13.38 -0.57 31.75
N GLN C 36 13.46 -0.78 33.06
CA GLN C 36 14.73 -0.86 33.83
C GLN C 36 15.61 -2.00 33.29
N TYR C 37 15.14 -3.25 33.35
CA TYR C 37 15.92 -4.46 32.97
C TYR C 37 15.69 -4.82 31.50
N LYS C 38 14.64 -4.29 30.84
CA LYS C 38 14.25 -4.59 29.43
C LYS C 38 14.13 -6.11 29.19
N LEU C 39 13.43 -6.80 30.10
CA LEU C 39 13.07 -8.25 30.04
C LEU C 39 11.59 -8.42 30.38
N LEU C 40 11.07 -9.59 30.06
CA LEU C 40 9.82 -10.11 30.64
C LEU C 40 10.13 -10.56 32.06
N HIS C 41 9.24 -10.29 32.99
CA HIS C 41 9.37 -10.74 34.39
C HIS C 41 8.32 -11.79 34.72
N HIS C 42 7.14 -11.74 34.10
CA HIS C 42 5.91 -12.42 34.61
C HIS C 42 4.95 -12.68 33.43
N ILE C 43 4.36 -13.88 33.40
CA ILE C 43 3.28 -14.25 32.45
C ILE C 43 2.10 -14.87 33.22
N GLU C 44 0.88 -14.43 32.93
CA GLU C 44 -0.40 -15.07 33.36
C GLU C 44 -1.10 -15.66 32.14
N VAL C 45 -1.72 -16.81 32.31
CA VAL C 45 -2.51 -17.47 31.24
C VAL C 45 -3.88 -17.80 31.84
N LYS C 46 -5.01 -17.54 31.16
CA LYS C 46 -6.29 -18.25 31.47
C LYS C 46 -6.63 -19.14 30.27
N PHE C 47 -7.36 -20.24 30.52
CA PHE C 47 -7.79 -21.24 29.50
C PHE C 47 -9.31 -21.15 29.28
N ILE C 48 -9.82 -21.59 28.11
CA ILE C 48 -11.29 -21.80 27.85
C ILE C 48 -11.82 -22.74 28.96
N ASN C 49 -13.01 -22.45 29.50
CA ASN C 49 -13.79 -23.26 30.50
C ASN C 49 -12.97 -23.59 31.75
N ASN C 50 -12.23 -22.62 32.31
CA ASN C 50 -11.33 -22.80 33.48
C ASN C 50 -11.00 -21.41 34.04
N ALA C 51 -11.40 -21.14 35.30
CA ALA C 51 -11.40 -19.81 35.95
C ALA C 51 -10.06 -19.55 36.63
N ASN C 52 -9.23 -20.57 36.72
CA ASN C 52 -7.89 -20.47 37.35
C ASN C 52 -7.01 -19.59 36.45
N ILE C 53 -6.27 -18.69 37.10
CA ILE C 53 -5.16 -17.87 36.54
C ILE C 53 -3.84 -18.60 36.83
N TYR C 54 -3.14 -19.08 35.81
CA TYR C 54 -1.80 -19.72 35.91
C TYR C 54 -0.73 -18.66 35.69
N ALA C 55 0.14 -18.50 36.67
CA ALA C 55 1.10 -17.39 36.75
C ALA C 55 2.50 -17.96 37.02
N THR C 56 3.54 -17.24 36.59
CA THR C 56 4.98 -17.57 36.78
C THR C 56 5.81 -16.29 36.61
N GLY C 57 7.01 -16.29 37.20
CA GLY C 57 7.85 -15.09 37.33
C GLY C 57 7.25 -14.12 38.33
N ASP C 58 7.87 -12.95 38.48
CA ASP C 58 7.59 -11.95 39.55
C ASP C 58 7.01 -10.72 38.86
N PRO C 59 5.76 -10.31 39.16
CA PRO C 59 5.15 -9.17 38.46
C PRO C 59 5.75 -7.80 38.84
N LYS C 60 7.05 -7.62 38.60
CA LYS C 60 7.78 -6.43 39.12
C LYS C 60 7.83 -5.35 38.04
N GLY C 61 7.45 -5.65 36.81
CA GLY C 61 7.60 -4.70 35.68
C GLY C 61 6.57 -3.56 35.72
N ASN C 62 6.92 -2.43 35.10
CA ASN C 62 6.09 -1.20 35.03
C ASN C 62 5.12 -1.23 33.83
N HIS C 63 5.18 -2.22 32.92
CA HIS C 63 4.21 -2.39 31.81
C HIS C 63 3.61 -3.80 31.82
N GLU C 64 2.34 -3.91 31.42
CA GLU C 64 1.77 -5.22 30.99
C GLU C 64 0.96 -5.05 29.69
N VAL C 65 0.83 -6.15 28.92
CA VAL C 65 -0.14 -6.31 27.80
C VAL C 65 -0.89 -7.62 27.99
N ILE C 66 -2.20 -7.56 27.75
CA ILE C 66 -3.14 -8.71 27.73
C ILE C 66 -3.62 -8.89 26.29
N LEU C 67 -3.54 -10.11 25.76
CA LEU C 67 -4.20 -10.51 24.51
C LEU C 67 -5.27 -11.53 24.89
N GLU C 68 -6.53 -11.18 24.64
CA GLU C 68 -7.67 -12.13 24.72
C GLU C 68 -7.83 -12.76 23.34
N ILE C 69 -8.04 -14.07 23.29
CA ILE C 69 -8.06 -14.89 22.05
C ILE C 69 -9.43 -15.56 21.93
N ASP C 70 -10.19 -15.16 20.91
CA ASP C 70 -11.54 -15.73 20.59
C ASP C 70 -11.35 -17.23 20.37
N ASP C 71 -12.41 -18.02 20.48
CA ASP C 71 -12.34 -19.51 20.50
C ASP C 71 -11.79 -20.03 19.15
N ASP C 72 -12.13 -19.37 18.05
CA ASP C 72 -11.78 -19.76 16.66
C ASP C 72 -10.56 -18.93 16.14
N GLU C 73 -9.79 -18.33 17.03
CA GLU C 73 -8.71 -17.38 16.68
C GLU C 73 -7.37 -18.09 16.88
N THR C 74 -6.51 -18.05 15.85
CA THR C 74 -5.18 -18.71 15.84
C THR C 74 -4.08 -17.67 15.82
N ILE C 75 -2.85 -18.09 16.10
CA ILE C 75 -1.63 -17.24 15.95
C ILE C 75 -1.06 -17.50 14.55
N ILE C 76 -1.04 -16.48 13.69
CA ILE C 76 -0.49 -16.52 12.30
C ILE C 76 0.95 -15.95 12.28
N GLY C 77 1.31 -15.14 13.28
CA GLY C 77 2.65 -14.56 13.39
C GLY C 77 3.09 -14.48 14.83
N SER C 78 4.34 -14.87 15.10
CA SER C 78 4.85 -15.08 16.47
C SER C 78 6.37 -14.94 16.51
N VAL C 79 6.84 -13.92 17.21
CA VAL C 79 8.29 -13.58 17.37
C VAL C 79 8.58 -13.43 18.87
N ILE C 80 9.56 -14.18 19.38
CA ILE C 80 10.03 -14.01 20.78
C ILE C 80 11.44 -13.44 20.74
N GLY C 81 11.65 -12.35 21.48
CA GLY C 81 12.97 -11.71 21.64
C GLY C 81 13.66 -12.26 22.87
N TYR C 82 14.96 -12.53 22.79
CA TYR C 82 15.70 -13.11 23.94
C TYR C 82 17.19 -12.77 23.88
N LYS C 83 17.82 -12.88 25.05
CA LYS C 83 19.30 -12.99 25.19
C LYS C 83 19.69 -14.47 25.19
N LYS C 84 20.58 -14.86 24.30
CA LYS C 84 21.04 -16.27 24.18
C LYS C 84 22.04 -16.60 25.28
N GLY C 85 22.29 -17.89 25.49
CA GLY C 85 23.31 -18.44 26.40
C GLY C 85 22.67 -19.00 27.66
N ASN C 86 23.48 -19.58 28.54
CA ASN C 86 23.01 -20.24 29.79
C ASN C 86 22.41 -19.20 30.72
N ASP C 87 22.98 -17.98 30.78
CA ASP C 87 22.49 -16.88 31.66
C ASP C 87 21.55 -16.00 30.81
N GLY C 88 20.86 -16.64 29.86
CA GLY C 88 19.91 -15.99 28.96
C GLY C 88 18.63 -15.61 29.69
N ARG C 89 17.86 -14.71 29.07
CA ARG C 89 16.51 -14.24 29.48
C ARG C 89 15.64 -14.11 28.23
N CYS C 90 14.33 -14.14 28.40
CA CYS C 90 13.33 -13.80 27.35
C CYS C 90 13.00 -12.31 27.52
N THR C 91 13.11 -11.53 26.44
CA THR C 91 13.06 -10.03 26.48
C THR C 91 11.77 -9.48 25.88
N GLY C 92 11.11 -10.16 24.95
CA GLY C 92 9.88 -9.61 24.36
C GLY C 92 9.05 -10.64 23.60
N VAL C 93 7.78 -10.33 23.38
CA VAL C 93 6.88 -11.17 22.55
C VAL C 93 6.08 -10.29 21.61
N LYS C 94 5.99 -10.68 20.34
CA LYS C 94 5.11 -10.11 19.29
C LYS C 94 4.20 -11.23 18.80
N LEU C 95 2.89 -11.14 19.06
CA LEU C 95 1.89 -12.10 18.49
C LEU C 95 0.95 -11.38 17.53
N THR C 96 0.59 -12.03 16.44
CA THR C 96 -0.43 -11.58 15.46
C THR C 96 -1.36 -12.74 15.19
N THR C 97 -2.65 -12.48 15.24
CA THR C 97 -3.75 -13.46 15.21
C THR C 97 -4.39 -13.50 13.83
N SER C 98 -5.20 -14.52 13.60
CA SER C 98 -6.03 -14.69 12.38
C SER C 98 -7.09 -13.60 12.29
N LYS C 99 -7.29 -12.73 13.29
CA LYS C 99 -8.35 -11.68 13.25
C LYS C 99 -7.74 -10.27 13.23
N GLY C 100 -6.45 -10.15 12.85
CA GLY C 100 -5.76 -8.85 12.69
C GLY C 100 -5.41 -8.22 14.02
N LYS C 101 -5.49 -8.99 15.12
CA LYS C 101 -5.12 -8.53 16.49
C LYS C 101 -3.62 -8.71 16.63
N SER C 102 -2.95 -7.77 17.26
CA SER C 102 -1.52 -7.93 17.55
C SER C 102 -1.17 -7.24 18.87
N ILE C 103 -0.20 -7.78 19.59
CA ILE C 103 0.32 -7.21 20.85
C ILE C 103 1.83 -7.28 20.76
N MET C 104 2.48 -6.41 21.51
CA MET C 104 3.94 -6.23 21.52
C MET C 104 4.35 -5.95 22.97
N ALA C 105 5.18 -6.81 23.55
CA ALA C 105 5.63 -6.73 24.97
C ALA C 105 7.16 -6.76 25.01
N GLY C 106 7.73 -5.72 25.62
CA GLY C 106 9.15 -5.68 25.95
C GLY C 106 10.00 -5.35 24.74
N TYR C 107 11.19 -5.96 24.65
CA TYR C 107 12.35 -5.46 23.88
C TYR C 107 12.89 -6.57 22.97
N PHE C 108 13.55 -6.20 21.89
CA PHE C 108 14.00 -7.08 20.79
C PHE C 108 15.41 -6.65 20.38
N GLU C 109 16.30 -6.54 21.35
CA GLU C 109 17.63 -5.92 21.14
C GLU C 109 18.68 -6.98 20.78
N GLU C 110 18.44 -8.26 21.04
CA GLU C 110 19.53 -9.23 20.79
C GLU C 110 19.08 -10.31 19.79
N SER C 111 18.39 -11.34 20.24
CA SER C 111 18.11 -12.54 19.43
C SER C 111 16.60 -12.71 19.27
N LEU C 112 16.18 -13.43 18.23
CA LEU C 112 14.77 -13.57 17.78
C LEU C 112 14.51 -15.01 17.36
N ILE C 113 13.37 -15.54 17.73
CA ILE C 113 12.81 -16.76 17.08
C ILE C 113 11.52 -16.35 16.40
N THR C 114 11.34 -16.77 15.15
CA THR C 114 10.03 -16.78 14.47
C THR C 114 9.53 -18.22 14.65
N THR C 115 8.50 -18.40 15.49
CA THR C 115 8.04 -19.72 15.98
C THR C 115 7.12 -20.35 14.94
N TYR C 116 6.84 -21.63 15.15
CA TYR C 116 5.64 -22.32 14.62
C TYR C 116 4.39 -21.48 14.92
N THR C 117 3.38 -21.64 14.07
CA THR C 117 2.06 -20.95 14.20
C THR C 117 0.98 -21.99 14.44
N GLY C 118 -0.24 -21.53 14.66
CA GLY C 118 -1.42 -22.37 14.88
C GLY C 118 -2.19 -21.90 16.11
N LYS C 119 -2.98 -22.80 16.68
CA LYS C 119 -3.88 -22.51 17.83
C LYS C 119 -3.04 -22.61 19.11
N LEU C 120 -2.79 -21.50 19.77
CA LEU C 120 -1.96 -21.43 21.00
C LEU C 120 -2.65 -22.22 22.12
N ALA C 121 -2.02 -23.30 22.58
CA ALA C 121 -2.61 -24.29 23.52
C ALA C 121 -1.96 -24.20 24.89
N GLY C 122 -0.77 -23.64 24.99
CA GLY C 122 -0.05 -23.47 26.27
C GLY C 122 1.30 -22.82 26.10
N ILE C 123 2.02 -22.67 27.19
CA ILE C 123 3.42 -22.20 27.18
C ILE C 123 4.22 -23.07 28.12
N LYS C 124 5.54 -22.93 28.09
CA LYS C 124 6.46 -23.75 28.92
C LYS C 124 7.83 -23.09 28.93
N GLY C 125 8.48 -23.02 30.09
CA GLY C 125 9.85 -22.49 30.16
C GLY C 125 10.41 -22.57 31.56
N GLY C 126 11.14 -21.55 31.98
CA GLY C 126 11.52 -21.35 33.38
C GLY C 126 11.47 -19.89 33.75
N ALA C 127 11.12 -19.61 35.00
CA ALA C 127 11.08 -18.23 35.55
C ALA C 127 11.34 -18.26 37.05
N GLY C 128 12.07 -17.26 37.57
CA GLY C 128 12.02 -16.85 38.99
C GLY C 128 11.62 -15.39 39.10
N SER C 129 12.62 -14.48 39.07
CA SER C 129 12.52 -12.99 39.12
C SER C 129 12.12 -12.47 37.73
N ASP C 130 12.62 -13.18 36.72
CA ASP C 130 12.43 -12.84 35.30
C ASP C 130 11.92 -14.10 34.59
N ILE C 131 11.47 -13.96 33.35
CA ILE C 131 11.16 -15.14 32.48
C ILE C 131 12.49 -15.56 31.90
N ASP C 132 13.02 -16.70 32.34
CA ASP C 132 14.36 -17.15 31.92
C ASP C 132 14.21 -17.66 30.49
N ARG C 133 13.27 -18.57 30.25
CA ARG C 133 13.09 -19.16 28.90
C ARG C 133 11.60 -19.32 28.66
N LEU C 134 11.19 -19.26 27.38
CA LEU C 134 9.76 -19.34 26.99
C LEU C 134 9.63 -20.12 25.70
N GLY C 135 8.82 -21.17 25.72
CA GLY C 135 8.42 -21.94 24.52
C GLY C 135 6.91 -21.86 24.34
N LEU C 136 6.42 -21.80 23.13
CA LEU C 136 4.96 -21.84 22.89
C LEU C 136 4.56 -23.28 22.61
N ILE C 137 3.30 -23.63 22.91
CA ILE C 137 2.69 -24.94 22.58
C ILE C 137 1.46 -24.69 21.70
N PHE C 138 1.34 -25.44 20.60
CA PHE C 138 0.26 -25.30 19.58
C PHE C 138 -0.48 -26.63 19.44
N LEU C 139 -1.78 -26.59 19.13
CA LEU C 139 -2.59 -27.75 18.65
C LEU C 139 -2.12 -28.18 17.26
N LYS C 140 -2.54 -29.36 16.77
CA LYS C 140 -2.34 -29.78 15.35
C LYS C 140 -3.70 -29.76 14.62
N ASP D 1 20.16 -38.02 -6.86
CA ASP D 1 19.52 -37.41 -5.66
C ASP D 1 18.09 -36.96 -6.02
N ASN D 2 17.18 -36.96 -5.03
CA ASN D 2 15.83 -36.36 -5.11
C ASN D 2 15.89 -34.98 -4.46
N TYR D 3 16.97 -34.26 -4.71
CA TYR D 3 17.27 -32.96 -4.09
C TYR D 3 17.70 -31.97 -5.19
N ILE D 4 17.51 -30.67 -4.90
CA ILE D 4 17.95 -29.53 -5.73
C ILE D 4 19.05 -28.83 -4.93
N TYR D 5 20.19 -28.56 -5.54
CA TYR D 5 21.33 -27.94 -4.81
C TYR D 5 21.50 -26.47 -5.22
N SER D 6 21.15 -25.53 -4.36
CA SER D 6 21.38 -24.09 -4.61
C SER D 6 22.88 -23.82 -4.65
N THR D 7 23.34 -22.89 -5.46
CA THR D 7 24.76 -22.53 -5.50
C THR D 7 25.25 -22.31 -4.06
N GLU D 8 26.40 -22.88 -3.70
CA GLU D 8 27.11 -22.52 -2.46
C GLU D 8 27.86 -21.23 -2.74
N VAL D 9 27.62 -20.19 -1.97
CA VAL D 9 28.19 -18.83 -2.20
C VAL D 9 29.12 -18.47 -1.04
N GLY D 10 30.24 -17.81 -1.39
CA GLY D 10 31.31 -17.34 -0.48
C GLY D 10 32.63 -17.96 -0.86
N GLY D 11 33.56 -18.10 0.11
CA GLY D 11 34.98 -18.48 -0.10
C GLY D 11 35.21 -19.98 0.01
N VAL D 12 36.47 -20.40 -0.17
CA VAL D 12 36.88 -21.84 -0.24
C VAL D 12 37.36 -22.32 1.13
N GLY D 13 37.43 -21.40 2.12
CA GLY D 13 37.97 -21.64 3.48
C GLY D 13 37.07 -22.51 4.34
N GLY D 14 37.51 -22.76 5.58
CA GLY D 14 36.82 -23.56 6.61
C GLY D 14 36.76 -25.06 6.28
N THR D 15 36.12 -25.80 7.16
CA THR D 15 35.90 -27.26 7.08
C THR D 15 34.59 -27.50 6.36
N PRO D 16 34.52 -28.35 5.29
CA PRO D 16 33.24 -28.72 4.67
C PRO D 16 32.22 -29.24 5.69
N PHE D 17 30.93 -28.99 5.44
CA PHE D 17 29.77 -29.53 6.22
C PHE D 17 28.61 -29.80 5.26
N THR D 18 27.83 -30.83 5.59
CA THR D 18 26.60 -31.23 4.86
C THR D 18 25.61 -31.77 5.87
N PHE D 19 24.53 -31.01 6.08
CA PHE D 19 23.41 -31.35 6.97
C PHE D 19 22.21 -31.80 6.15
N MET D 20 22.02 -33.12 6.01
CA MET D 20 20.85 -33.81 5.39
C MET D 20 20.48 -35.02 6.26
N GLN D 21 19.18 -35.35 6.44
CA GLN D 21 18.73 -36.62 7.09
C GLN D 21 17.87 -37.37 6.06
N GLU D 22 18.22 -38.61 5.67
CA GLU D 22 17.45 -39.42 4.69
C GLU D 22 15.97 -39.27 5.07
N SER D 23 15.12 -38.84 4.14
CA SER D 23 13.66 -38.78 4.36
C SER D 23 13.28 -37.85 5.54
N GLY D 24 13.98 -36.72 5.74
CA GLY D 24 13.62 -35.67 6.72
C GLY D 24 13.97 -34.28 6.22
N THR D 25 13.15 -33.28 6.56
CA THR D 25 13.27 -31.86 6.11
C THR D 25 13.63 -30.99 7.32
N ILE D 26 14.19 -29.81 7.10
CA ILE D 26 14.59 -28.88 8.21
C ILE D 26 13.31 -28.38 8.91
N THR D 27 13.28 -28.49 10.24
CA THR D 27 12.17 -27.99 11.09
C THR D 27 12.63 -26.74 11.85
N SER D 28 13.93 -26.50 11.96
CA SER D 28 14.49 -25.32 12.66
C SER D 28 15.88 -24.98 12.08
N ILE D 29 16.19 -23.70 11.96
CA ILE D 29 17.52 -23.22 11.49
C ILE D 29 17.81 -21.92 12.23
N LYS D 30 19.02 -21.86 12.81
CA LYS D 30 19.55 -20.75 13.63
C LYS D 30 20.75 -20.17 12.86
N PHE D 31 20.80 -18.84 12.76
CA PHE D 31 21.94 -18.09 12.19
C PHE D 31 22.47 -17.18 13.30
N ASN D 32 23.79 -17.21 13.53
CA ASN D 32 24.54 -16.40 14.52
C ASN D 32 25.49 -15.51 13.69
N TRP D 33 25.54 -14.22 13.98
CA TRP D 33 26.27 -13.22 13.18
C TRP D 33 26.74 -12.11 14.11
N SER D 34 27.64 -11.27 13.62
CA SER D 34 28.39 -10.24 14.39
C SER D 34 28.13 -8.89 13.73
N ASP D 35 27.87 -7.84 14.54
CA ASP D 35 28.00 -6.42 14.08
C ASP D 35 29.47 -6.11 13.82
N GLN D 36 30.39 -6.70 14.60
CA GLN D 36 31.84 -6.37 14.55
C GLN D 36 32.32 -6.68 13.13
N TYR D 37 32.13 -7.92 12.66
CA TYR D 37 32.75 -8.46 11.42
C TYR D 37 31.74 -8.47 10.27
N LYS D 38 30.46 -8.21 10.56
CA LYS D 38 29.37 -8.19 9.56
C LYS D 38 29.36 -9.45 8.68
N LEU D 39 29.53 -10.63 9.29
CA LEU D 39 29.43 -11.96 8.63
C LEU D 39 28.60 -12.87 9.55
N LEU D 40 28.08 -13.97 8.98
CA LEU D 40 27.55 -15.14 9.71
C LEU D 40 28.75 -15.88 10.32
N HIS D 41 28.62 -16.37 11.54
CA HIS D 41 29.69 -17.14 12.23
C HIS D 41 29.32 -18.61 12.42
N HIS D 42 28.05 -18.89 12.67
CA HIS D 42 27.56 -20.18 13.22
C HIS D 42 26.12 -20.39 12.75
N ILE D 43 25.81 -21.60 12.27
CA ILE D 43 24.44 -22.07 11.95
C ILE D 43 24.17 -23.36 12.73
N GLU D 44 22.97 -23.50 13.31
CA GLU D 44 22.43 -24.81 13.79
C GLU D 44 21.25 -25.21 12.90
N VAL D 45 20.95 -26.50 12.84
CA VAL D 45 19.80 -27.08 12.08
C VAL D 45 19.17 -28.24 12.90
N LYS D 46 17.85 -28.25 13.16
CA LYS D 46 17.12 -29.46 13.63
C LYS D 46 16.31 -30.00 12.43
N PHE D 47 16.13 -31.31 12.35
CA PHE D 47 15.29 -32.01 11.32
C PHE D 47 14.03 -32.61 11.95
N ILE D 48 13.01 -32.90 11.12
CA ILE D 48 11.74 -33.60 11.50
C ILE D 48 12.17 -34.98 12.01
N ASN D 49 11.61 -35.45 13.12
CA ASN D 49 11.86 -36.84 13.62
C ASN D 49 13.38 -37.09 13.86
N ASN D 50 14.07 -36.18 14.56
CA ASN D 50 15.50 -36.33 14.95
C ASN D 50 15.91 -35.19 15.90
N ALA D 51 16.38 -35.56 17.10
CA ALA D 51 16.63 -34.65 18.24
C ALA D 51 18.04 -34.05 18.15
N ASN D 52 18.91 -34.62 17.29
CA ASN D 52 20.30 -34.13 17.06
C ASN D 52 20.26 -32.71 16.49
N ILE D 53 20.84 -31.75 17.23
CA ILE D 53 21.21 -30.38 16.75
C ILE D 53 22.52 -30.53 15.96
N TYR D 54 22.51 -30.27 14.65
CA TYR D 54 23.73 -30.18 13.79
C TYR D 54 24.18 -28.71 13.73
N ALA D 55 25.43 -28.46 14.09
CA ALA D 55 26.04 -27.13 14.32
C ALA D 55 27.33 -27.05 13.50
N THR D 56 27.72 -25.84 13.09
CA THR D 56 28.96 -25.58 12.34
C THR D 56 29.31 -24.12 12.54
N GLY D 57 30.61 -23.85 12.56
CA GLY D 57 31.11 -22.49 12.81
C GLY D 57 31.16 -22.16 14.29
N ASP D 58 31.70 -21.00 14.59
CA ASP D 58 32.04 -20.60 15.97
C ASP D 58 30.96 -19.62 16.43
N PRO D 59 30.18 -19.94 17.48
CA PRO D 59 29.08 -19.07 17.88
C PRO D 59 29.57 -17.80 18.59
N LYS D 60 30.46 -17.02 17.96
CA LYS D 60 31.06 -15.80 18.59
C LYS D 60 30.21 -14.54 18.30
N GLY D 61 29.15 -14.63 17.51
CA GLY D 61 28.34 -13.46 17.11
C GLY D 61 27.44 -12.97 18.20
N ASN D 62 27.18 -11.66 18.26
CA ASN D 62 26.34 -11.03 19.31
C ASN D 62 24.85 -11.18 18.96
N HIS D 63 24.51 -11.66 17.76
CA HIS D 63 23.08 -11.83 17.37
C HIS D 63 22.79 -13.27 16.94
N GLU D 64 21.58 -13.76 17.20
CA GLU D 64 21.09 -15.01 16.55
C GLU D 64 19.60 -14.89 16.21
N VAL D 65 19.16 -15.54 15.12
CA VAL D 65 17.73 -15.69 14.76
C VAL D 65 17.47 -17.17 14.54
N ILE D 66 16.31 -17.65 14.99
CA ILE D 66 15.79 -19.02 14.72
C ILE D 66 14.53 -18.88 13.85
N LEU D 67 14.43 -19.72 12.82
CA LEU D 67 13.18 -19.91 12.03
C LEU D 67 12.68 -21.33 12.26
N GLU D 68 11.50 -21.50 12.85
CA GLU D 68 10.82 -22.84 12.94
C GLU D 68 9.92 -22.98 11.71
N ILE D 69 9.98 -24.12 11.05
CA ILE D 69 9.24 -24.40 9.80
C ILE D 69 8.23 -25.52 10.06
N ASP D 70 6.93 -25.26 9.87
CA ASP D 70 5.84 -26.25 10.00
C ASP D 70 6.05 -27.34 8.93
N ASP D 71 5.55 -28.56 9.13
CA ASP D 71 5.89 -29.74 8.27
C ASP D 71 5.54 -29.46 6.80
N ASP D 72 4.51 -28.65 6.54
CA ASP D 72 3.94 -28.36 5.20
C ASP D 72 4.41 -26.98 4.69
N GLU D 73 5.33 -26.30 5.39
CA GLU D 73 5.76 -24.89 5.12
C GLU D 73 7.00 -24.90 4.17
N THR D 74 6.92 -24.20 3.05
CA THR D 74 8.02 -24.08 2.05
C THR D 74 8.68 -22.70 2.17
N ILE D 75 9.89 -22.56 1.62
CA ILE D 75 10.57 -21.25 1.44
C ILE D 75 10.13 -20.67 0.09
N ILE D 76 9.50 -19.51 0.07
CA ILE D 76 8.98 -18.94 -1.21
C ILE D 76 9.88 -17.79 -1.66
N GLY D 77 10.74 -17.35 -0.77
CA GLY D 77 11.79 -16.37 -1.08
C GLY D 77 13.00 -16.60 -0.20
N SER D 78 14.18 -16.52 -0.79
CA SER D 78 15.47 -16.83 -0.14
C SER D 78 16.55 -16.00 -0.82
N VAL D 79 17.26 -15.21 -0.04
CA VAL D 79 18.40 -14.37 -0.51
C VAL D 79 19.57 -14.62 0.43
N ILE D 80 20.76 -14.83 -0.11
CA ILE D 80 22.01 -14.94 0.69
C ILE D 80 22.98 -13.84 0.26
N GLY D 81 23.31 -12.94 1.19
CA GLY D 81 24.41 -11.99 1.00
C GLY D 81 25.77 -12.65 1.17
N TYR D 82 26.76 -12.19 0.42
CA TYR D 82 28.11 -12.76 0.55
C TYR D 82 29.19 -11.87 -0.08
N LYS D 83 30.44 -12.17 0.30
CA LYS D 83 31.69 -11.63 -0.31
C LYS D 83 32.18 -12.67 -1.31
N LYS D 84 32.31 -12.26 -2.56
CA LYS D 84 32.76 -13.10 -3.72
C LYS D 84 34.24 -13.44 -3.49
N GLY D 85 34.75 -14.48 -4.16
CA GLY D 85 36.20 -14.77 -4.23
C GLY D 85 36.61 -15.93 -3.34
N ASN D 86 37.87 -16.36 -3.43
CA ASN D 86 38.47 -17.48 -2.64
C ASN D 86 38.47 -17.13 -1.15
N ASP D 87 38.75 -15.89 -0.80
CA ASP D 87 38.71 -15.40 0.62
C ASP D 87 37.29 -14.90 0.95
N GLY D 88 36.29 -15.37 0.21
CA GLY D 88 34.89 -14.98 0.41
C GLY D 88 34.30 -15.49 1.72
N ARG D 89 33.13 -14.97 2.07
CA ARG D 89 32.42 -15.24 3.34
C ARG D 89 30.94 -15.13 3.03
N CYS D 90 30.09 -15.85 3.77
CA CYS D 90 28.62 -15.68 3.73
C CYS D 90 28.21 -14.65 4.79
N THR D 91 27.58 -13.54 4.40
CA THR D 91 27.42 -12.34 5.29
C THR D 91 25.98 -12.22 5.83
N GLY D 92 24.99 -12.79 5.14
CA GLY D 92 23.57 -12.50 5.43
C GLY D 92 22.64 -13.55 4.85
N VAL D 93 21.49 -13.76 5.48
CA VAL D 93 20.40 -14.59 4.92
C VAL D 93 19.06 -13.94 5.25
N LYS D 94 18.22 -13.75 4.23
CA LYS D 94 16.76 -13.49 4.33
C LYS D 94 16.04 -14.78 3.83
N LEU D 95 15.09 -15.29 4.62
CA LEU D 95 14.16 -16.37 4.19
C LEU D 95 12.72 -15.88 4.40
N THR D 96 11.82 -16.21 3.47
CA THR D 96 10.36 -15.99 3.60
C THR D 96 9.65 -17.30 3.30
N THR D 97 8.72 -17.69 4.16
CA THR D 97 7.96 -18.96 4.00
C THR D 97 6.57 -18.76 3.37
N SER D 98 5.98 -19.88 2.96
CA SER D 98 4.63 -19.97 2.37
C SER D 98 3.57 -19.56 3.40
N LYS D 99 3.92 -19.37 4.67
CA LYS D 99 2.93 -18.92 5.69
C LYS D 99 3.21 -17.48 6.11
N GLY D 100 4.07 -16.74 5.41
CA GLY D 100 4.30 -15.30 5.68
C GLY D 100 5.28 -15.05 6.81
N LYS D 101 5.84 -16.10 7.39
CA LYS D 101 7.00 -16.03 8.30
C LYS D 101 8.23 -15.63 7.50
N SER D 102 8.99 -14.69 8.02
CA SER D 102 10.28 -14.28 7.47
C SER D 102 11.32 -14.16 8.59
N ILE D 103 12.61 -14.34 8.25
CA ILE D 103 13.75 -13.98 9.13
C ILE D 103 14.80 -13.30 8.28
N MET D 104 15.68 -12.59 8.97
CA MET D 104 16.73 -11.74 8.40
C MET D 104 17.93 -11.82 9.35
N ALA D 105 19.09 -12.18 8.82
CA ALA D 105 20.32 -12.40 9.61
C ALA D 105 21.50 -11.72 8.91
N GLY D 106 22.17 -10.83 9.61
CA GLY D 106 23.48 -10.34 9.15
C GLY D 106 23.36 -9.25 8.10
N TYR D 107 24.29 -9.21 7.16
CA TYR D 107 24.52 -8.01 6.31
C TYR D 107 24.49 -8.44 4.85
N PHE D 108 24.22 -7.45 3.98
CA PHE D 108 23.98 -7.62 2.51
C PHE D 108 24.69 -6.49 1.76
N GLU D 109 26.03 -6.46 1.85
CA GLU D 109 26.82 -5.24 1.51
C GLU D 109 27.63 -5.49 0.23
N GLU D 110 27.73 -6.72 -0.27
CA GLU D 110 28.53 -7.00 -1.50
C GLU D 110 27.67 -7.71 -2.57
N SER D 111 27.62 -9.04 -2.53
CA SER D 111 26.95 -9.89 -3.55
C SER D 111 25.73 -10.57 -2.93
N LEU D 112 24.83 -11.07 -3.79
CA LEU D 112 23.48 -11.58 -3.45
C LEU D 112 23.21 -12.76 -4.37
N ILE D 113 22.60 -13.79 -3.82
CA ILE D 113 22.02 -14.88 -4.64
C ILE D 113 20.57 -14.95 -4.22
N THR D 114 19.68 -14.95 -5.20
CA THR D 114 18.25 -15.28 -5.03
C THR D 114 18.14 -16.75 -5.43
N THR D 115 17.91 -17.62 -4.47
CA THR D 115 18.02 -19.09 -4.68
C THR D 115 16.71 -19.66 -5.23
N TYR D 116 16.79 -20.92 -5.66
CA TYR D 116 15.62 -21.81 -5.90
C TYR D 116 14.70 -21.73 -4.67
N THR D 117 13.42 -22.00 -4.88
CA THR D 117 12.42 -22.11 -3.79
C THR D 117 11.97 -23.56 -3.66
N GLY D 118 11.30 -23.87 -2.54
CA GLY D 118 10.71 -25.20 -2.28
C GLY D 118 10.86 -25.58 -0.82
N LYS D 119 10.69 -26.88 -0.52
CA LYS D 119 10.87 -27.44 0.84
C LYS D 119 12.37 -27.52 1.19
N LEU D 120 12.81 -26.68 2.11
CA LEU D 120 14.20 -26.66 2.65
C LEU D 120 14.47 -28.00 3.35
N ALA D 121 15.42 -28.78 2.79
CA ALA D 121 15.74 -30.18 3.18
C ALA D 121 17.14 -30.29 3.75
N GLY D 122 18.01 -29.29 3.54
CA GLY D 122 19.39 -29.36 4.06
C GLY D 122 20.24 -28.17 3.66
N ILE D 123 21.45 -28.14 4.20
CA ILE D 123 22.42 -27.05 3.93
C ILE D 123 23.81 -27.65 3.83
N LYS D 124 24.71 -26.91 3.19
CA LYS D 124 26.04 -27.40 2.76
C LYS D 124 26.94 -26.18 2.54
N GLY D 125 28.21 -26.33 2.85
CA GLY D 125 29.23 -25.29 2.64
C GLY D 125 30.47 -25.61 3.46
N GLY D 126 31.04 -24.59 4.05
CA GLY D 126 32.27 -24.69 4.84
C GLY D 126 32.30 -23.60 5.88
N ALA D 127 32.92 -23.89 7.01
CA ALA D 127 33.03 -22.96 8.15
C ALA D 127 34.18 -23.37 9.07
N GLY D 128 34.80 -22.33 9.64
CA GLY D 128 35.68 -22.38 10.80
C GLY D 128 35.21 -21.39 11.82
N SER D 129 35.82 -20.21 11.82
CA SER D 129 35.52 -19.08 12.75
C SER D 129 34.26 -18.39 12.28
N ASP D 130 34.04 -18.42 10.97
CA ASP D 130 32.97 -17.75 10.21
C ASP D 130 32.34 -18.80 9.28
N ILE D 131 31.19 -18.48 8.69
CA ILE D 131 30.56 -19.26 7.59
C ILE D 131 31.20 -18.80 6.28
N ASP D 132 32.10 -19.61 5.76
CA ASP D 132 32.91 -19.27 4.57
C ASP D 132 31.98 -19.32 3.35
N ARG D 133 31.15 -20.34 3.27
CA ARG D 133 30.39 -20.68 2.06
C ARG D 133 29.12 -21.38 2.54
N LEU D 134 27.97 -21.09 1.91
CA LEU D 134 26.67 -21.69 2.29
C LEU D 134 25.82 -21.89 1.03
N GLY D 135 25.31 -23.10 0.84
CA GLY D 135 24.29 -23.44 -0.17
C GLY D 135 23.08 -24.06 0.51
N LEU D 136 21.87 -23.81 -0.01
CA LEU D 136 20.63 -24.46 0.45
C LEU D 136 20.36 -25.71 -0.37
N ILE D 137 19.66 -26.70 0.21
CA ILE D 137 19.24 -27.97 -0.45
C ILE D 137 17.72 -28.12 -0.32
N PHE D 138 17.01 -28.35 -1.43
CA PHE D 138 15.52 -28.42 -1.48
C PHE D 138 15.06 -29.81 -1.94
N LEU D 139 13.90 -30.28 -1.47
CA LEU D 139 13.17 -31.46 -2.03
C LEU D 139 12.63 -31.17 -3.44
N LYS D 140 12.19 -32.19 -4.17
CA LYS D 140 11.45 -32.05 -5.45
C LYS D 140 10.00 -32.50 -5.25
N ASN E 2 11.06 -22.17 -32.40
CA ASN E 2 10.17 -22.20 -31.18
C ASN E 2 10.69 -21.24 -30.11
N TYR E 3 11.36 -20.16 -30.53
CA TYR E 3 12.06 -19.19 -29.65
C TYR E 3 11.63 -17.77 -30.01
N ILE E 4 11.68 -16.86 -29.03
CA ILE E 4 11.49 -15.40 -29.24
C ILE E 4 12.82 -14.74 -28.93
N TYR E 5 13.30 -13.87 -29.81
CA TYR E 5 14.62 -13.18 -29.68
C TYR E 5 14.39 -11.70 -29.32
N SER E 6 14.70 -11.32 -28.08
CA SER E 6 14.65 -9.90 -27.65
C SER E 6 15.80 -9.20 -28.35
N THR E 7 15.62 -7.93 -28.70
CA THR E 7 16.69 -7.08 -29.28
C THR E 7 17.98 -7.25 -28.49
N GLU E 8 19.09 -7.56 -29.17
CA GLU E 8 20.44 -7.44 -28.59
C GLU E 8 20.75 -5.94 -28.42
N VAL E 9 21.01 -5.46 -27.21
CA VAL E 9 21.21 -4.01 -26.96
C VAL E 9 22.66 -3.79 -26.55
N GLY E 10 23.21 -2.62 -26.90
CA GLY E 10 24.64 -2.26 -26.72
C GLY E 10 25.42 -2.16 -28.02
N GLY E 11 26.74 -2.39 -27.95
CA GLY E 11 27.69 -2.14 -29.04
C GLY E 11 27.89 -3.32 -29.98
N VAL E 12 28.77 -3.16 -30.97
CA VAL E 12 29.08 -4.21 -31.99
C VAL E 12 30.32 -4.99 -31.55
N GLY E 13 31.00 -4.53 -30.50
CA GLY E 13 32.26 -5.10 -30.01
C GLY E 13 32.08 -6.50 -29.46
N GLY E 14 33.20 -7.13 -29.07
CA GLY E 14 33.25 -8.43 -28.38
C GLY E 14 33.04 -9.64 -29.27
N THR E 15 33.52 -10.79 -28.81
CA THR E 15 33.33 -12.13 -29.43
C THR E 15 31.86 -12.49 -29.31
N PRO E 16 31.15 -12.82 -30.41
CA PRO E 16 29.77 -13.27 -30.28
C PRO E 16 29.68 -14.47 -29.32
N PHE E 17 28.51 -14.68 -28.72
CA PHE E 17 28.16 -15.88 -27.92
C PHE E 17 26.68 -16.16 -28.08
N THR E 18 26.33 -17.44 -27.95
CA THR E 18 24.93 -17.92 -27.97
C THR E 18 24.86 -19.10 -26.99
N PHE E 19 24.06 -18.98 -25.94
CA PHE E 19 23.87 -20.02 -24.92
C PHE E 19 22.40 -20.49 -25.06
N MET E 20 22.23 -21.68 -25.61
CA MET E 20 20.94 -22.41 -25.78
C MET E 20 21.24 -23.91 -25.63
N GLN E 21 20.26 -24.77 -25.26
CA GLN E 21 20.46 -26.26 -25.16
C GLN E 21 19.29 -27.05 -25.78
N THR E 25 16.05 -25.07 -20.67
CA THR E 25 15.85 -23.66 -20.18
C THR E 25 16.89 -23.31 -19.11
N ILE E 26 17.13 -22.01 -18.88
CA ILE E 26 18.13 -21.46 -17.91
C ILE E 26 17.59 -21.73 -16.50
N THR E 27 18.43 -22.33 -15.66
CA THR E 27 18.10 -22.70 -14.25
C THR E 27 18.86 -21.75 -13.32
N SER E 28 19.93 -21.14 -13.83
CA SER E 28 20.79 -20.19 -13.09
C SER E 28 21.42 -19.17 -14.06
N ILE E 29 21.57 -17.91 -13.63
CA ILE E 29 22.23 -16.83 -14.41
C ILE E 29 22.91 -15.86 -13.44
N LYS E 30 24.17 -15.53 -13.73
CA LYS E 30 25.04 -14.72 -12.85
C LYS E 30 25.56 -13.52 -13.64
N PHE E 31 25.46 -12.35 -13.03
CA PHE E 31 25.91 -11.08 -13.63
C PHE E 31 27.03 -10.52 -12.75
N ASN E 32 28.16 -10.22 -13.39
CA ASN E 32 29.33 -9.59 -12.72
C ASN E 32 29.47 -8.15 -13.27
N TRP E 33 29.57 -7.15 -12.41
CA TRP E 33 29.65 -5.72 -12.83
C TRP E 33 30.62 -4.99 -11.92
N SER E 34 31.05 -3.79 -12.29
CA SER E 34 32.04 -2.98 -11.52
C SER E 34 31.45 -1.61 -11.18
N ASP E 35 31.81 -1.06 -10.03
CA ASP E 35 31.45 0.34 -9.68
C ASP E 35 32.42 1.26 -10.44
N GLN E 36 33.61 0.76 -10.79
CA GLN E 36 34.64 1.57 -11.48
C GLN E 36 34.15 1.97 -12.88
N TYR E 37 33.75 1.00 -13.70
CA TYR E 37 33.35 1.23 -15.12
C TYR E 37 31.82 1.36 -15.27
N LYS E 38 31.04 0.96 -14.27
CA LYS E 38 29.55 1.00 -14.29
C LYS E 38 29.00 0.21 -15.49
N LEU E 39 29.58 -0.97 -15.77
CA LEU E 39 29.13 -1.90 -16.85
C LEU E 39 29.04 -3.31 -16.28
N LEU E 40 28.34 -4.19 -16.99
CA LEU E 40 28.51 -5.66 -16.87
C LEU E 40 29.82 -6.05 -17.57
N HIS E 41 30.60 -6.92 -16.93
CA HIS E 41 31.86 -7.49 -17.49
C HIS E 41 31.65 -8.96 -17.83
N HIS E 42 30.86 -9.69 -17.06
CA HIS E 42 30.85 -11.18 -17.15
C HIS E 42 29.43 -11.71 -16.90
N ILE E 43 29.05 -12.78 -17.60
CA ILE E 43 27.78 -13.50 -17.36
C ILE E 43 28.05 -15.01 -17.38
N GLU E 44 27.49 -15.76 -16.45
CA GLU E 44 27.47 -17.25 -16.46
C GLU E 44 26.00 -17.72 -16.49
N VAL E 45 25.77 -18.88 -17.09
CA VAL E 45 24.42 -19.47 -17.30
C VAL E 45 24.54 -20.98 -17.04
N LYS E 46 23.76 -21.58 -16.15
CA LYS E 46 23.56 -23.06 -16.09
C LYS E 46 22.17 -23.36 -16.68
N PHE E 47 22.02 -24.53 -17.29
CA PHE E 47 20.74 -25.02 -17.87
C PHE E 47 20.26 -26.26 -17.12
N ILE E 48 18.95 -26.47 -17.16
CA ILE E 48 18.23 -27.70 -16.70
C ILE E 48 18.91 -28.95 -17.31
N ASN E 49 19.20 -29.97 -16.50
CA ASN E 49 19.74 -31.29 -16.94
C ASN E 49 21.07 -31.15 -17.68
N ASN E 50 22.01 -30.36 -17.13
CA ASN E 50 23.33 -30.07 -17.75
C ASN E 50 24.18 -29.35 -16.70
N ALA E 51 25.36 -29.86 -16.39
CA ALA E 51 26.17 -29.35 -15.25
C ALA E 51 27.26 -28.41 -15.77
N ASN E 52 27.39 -28.25 -17.10
CA ASN E 52 28.37 -27.31 -17.70
C ASN E 52 27.93 -25.89 -17.37
N ILE E 53 28.87 -25.06 -16.93
CA ILE E 53 28.73 -23.58 -16.76
C ILE E 53 29.20 -22.88 -18.05
N TYR E 54 28.30 -22.20 -18.76
CA TYR E 54 28.60 -21.38 -19.96
C TYR E 54 28.86 -19.92 -19.55
N ALA E 55 30.09 -19.46 -19.80
CA ALA E 55 30.59 -18.13 -19.39
C ALA E 55 30.93 -17.30 -20.63
N THR E 56 30.96 -15.99 -20.47
CA THR E 56 31.43 -15.04 -21.51
C THR E 56 31.83 -13.77 -20.76
N GLY E 57 32.78 -13.02 -21.29
CA GLY E 57 33.29 -11.81 -20.61
C GLY E 57 34.33 -12.14 -19.55
N ASP E 58 34.96 -11.11 -19.00
CA ASP E 58 36.07 -11.23 -18.03
C ASP E 58 35.52 -10.87 -16.64
N PRO E 59 35.54 -11.79 -15.66
CA PRO E 59 34.95 -11.50 -14.34
C PRO E 59 35.75 -10.50 -13.51
N LYS E 60 36.03 -9.32 -14.06
CA LYS E 60 36.85 -8.24 -13.45
C LYS E 60 36.03 -7.48 -12.39
N GLY E 61 34.71 -7.62 -12.36
CA GLY E 61 33.84 -6.74 -11.53
C GLY E 61 33.87 -7.10 -10.04
N ASN E 62 33.68 -6.09 -9.17
CA ASN E 62 33.72 -6.20 -7.68
C ASN E 62 32.36 -6.64 -7.10
N HIS E 63 31.30 -6.80 -7.91
CA HIS E 63 29.96 -7.27 -7.48
C HIS E 63 29.54 -8.49 -8.31
N GLU E 64 28.74 -9.39 -7.73
CA GLU E 64 27.96 -10.36 -8.53
C GLU E 64 26.54 -10.53 -7.95
N VAL E 65 25.60 -10.96 -8.81
CA VAL E 65 24.26 -11.50 -8.43
C VAL E 65 24.02 -12.79 -9.22
N ILE E 66 23.43 -13.77 -8.53
CA ILE E 66 22.94 -15.04 -9.13
C ILE E 66 21.42 -15.07 -8.98
N LEU E 67 20.73 -15.45 -10.05
CA LEU E 67 19.29 -15.72 -9.96
C LEU E 67 19.11 -17.18 -10.32
N GLU E 68 18.63 -17.98 -9.38
CA GLU E 68 18.23 -19.36 -9.69
C GLU E 68 16.74 -19.33 -10.05
N ILE E 69 16.40 -20.02 -11.13
CA ILE E 69 15.03 -20.10 -11.68
C ILE E 69 14.51 -21.54 -11.55
N ASP E 70 13.43 -21.72 -10.76
CA ASP E 70 12.65 -22.99 -10.62
C ASP E 70 12.15 -23.37 -12.02
N ASP E 71 11.82 -24.65 -12.23
CA ASP E 71 11.59 -25.24 -13.59
C ASP E 71 10.32 -24.61 -14.18
N ASP E 72 9.33 -24.28 -13.34
CA ASP E 72 8.01 -23.73 -13.79
C ASP E 72 8.00 -22.19 -13.75
N GLU E 73 9.15 -21.55 -13.49
CA GLU E 73 9.27 -20.10 -13.17
C GLU E 73 9.57 -19.28 -14.45
N THR E 74 8.79 -18.22 -14.69
CA THR E 74 8.93 -17.31 -15.87
C THR E 74 9.43 -15.94 -15.42
N ILE E 75 10.01 -15.20 -16.36
CA ILE E 75 10.34 -13.75 -16.27
C ILE E 75 9.09 -12.97 -16.70
N ILE E 76 8.51 -12.18 -15.80
CA ILE E 76 7.27 -11.38 -16.06
C ILE E 76 7.66 -9.93 -16.25
N GLY E 77 8.93 -9.62 -16.01
CA GLY E 77 9.48 -8.25 -15.97
C GLY E 77 10.96 -8.32 -16.19
N SER E 78 11.45 -7.54 -17.15
CA SER E 78 12.84 -7.61 -17.65
C SER E 78 13.23 -6.26 -18.27
N VAL E 79 14.31 -5.67 -17.78
CA VAL E 79 14.84 -4.35 -18.22
C VAL E 79 16.35 -4.51 -18.35
N ILE E 80 16.94 -4.09 -19.46
CA ILE E 80 18.41 -4.12 -19.66
C ILE E 80 18.80 -2.68 -19.86
N GLY E 81 19.72 -2.19 -19.04
CA GLY E 81 20.32 -0.86 -19.22
C GLY E 81 21.52 -0.98 -20.11
N TYR E 82 21.75 0.02 -20.98
CA TYR E 82 22.89 0.01 -21.94
C TYR E 82 23.27 1.43 -22.35
N LYS E 83 24.46 1.51 -22.93
CA LYS E 83 24.94 2.64 -23.78
C LYS E 83 24.67 2.27 -25.23
N LYS E 84 23.90 3.08 -25.95
CA LYS E 84 23.59 2.87 -27.39
C LYS E 84 24.80 3.23 -28.24
N GLY E 85 24.80 2.78 -29.50
CA GLY E 85 25.84 3.10 -30.49
C GLY E 85 26.81 1.96 -30.71
N ASN E 86 27.72 2.11 -31.67
CA ASN E 86 28.67 1.04 -32.07
C ASN E 86 29.65 0.76 -30.94
N ASP E 87 30.09 1.79 -30.21
CA ASP E 87 30.99 1.67 -29.03
C ASP E 87 30.16 1.36 -27.76
N GLY E 88 28.96 0.80 -27.94
CA GLY E 88 27.97 0.60 -26.87
C GLY E 88 28.38 -0.53 -25.93
N ARG E 89 27.77 -0.54 -24.74
CA ARG E 89 27.98 -1.56 -23.69
C ARG E 89 26.63 -1.86 -23.05
N CYS E 90 26.48 -3.08 -22.57
CA CYS E 90 25.37 -3.45 -21.68
C CYS E 90 25.72 -3.06 -20.23
N THR E 91 24.93 -2.19 -19.58
CA THR E 91 25.34 -1.59 -18.28
C THR E 91 24.61 -2.20 -17.07
N GLY E 92 23.45 -2.82 -17.25
CA GLY E 92 22.63 -3.30 -16.12
C GLY E 92 21.54 -4.27 -16.55
N VAL E 93 21.04 -5.07 -15.61
CA VAL E 93 19.86 -5.96 -15.85
C VAL E 93 19.00 -5.98 -14.58
N LYS E 94 17.69 -5.85 -14.73
CA LYS E 94 16.70 -6.14 -13.67
C LYS E 94 15.86 -7.28 -14.19
N LEU E 95 15.64 -8.34 -13.42
CA LEU E 95 14.66 -9.42 -13.75
C LEU E 95 13.68 -9.59 -12.58
N THR E 96 12.41 -9.77 -12.92
CA THR E 96 11.34 -10.17 -11.96
C THR E 96 10.62 -11.38 -12.52
N THR E 97 10.38 -12.35 -11.65
CA THR E 97 9.89 -13.70 -11.98
C THR E 97 8.42 -13.83 -11.58
N SER E 98 7.80 -14.90 -12.05
CA SER E 98 6.41 -15.29 -11.73
C SER E 98 6.27 -15.66 -10.25
N LYS E 99 7.35 -15.75 -9.47
CA LYS E 99 7.30 -16.14 -8.04
C LYS E 99 7.79 -15.00 -7.15
N GLY E 100 7.81 -13.78 -7.67
CA GLY E 100 8.15 -12.60 -6.86
C GLY E 100 9.61 -12.54 -6.54
N LYS E 101 10.44 -13.32 -7.25
CA LYS E 101 11.92 -13.19 -7.14
C LYS E 101 12.33 -12.09 -8.07
N SER E 102 13.21 -11.20 -7.65
CA SER E 102 13.80 -10.19 -8.56
C SER E 102 15.28 -10.00 -8.25
N ILE E 103 16.05 -9.59 -9.27
CA ILE E 103 17.49 -9.23 -9.12
C ILE E 103 17.78 -7.94 -9.87
N MET E 104 18.86 -7.32 -9.50
CA MET E 104 19.27 -6.00 -10.01
C MET E 104 20.80 -6.04 -10.11
N ALA E 105 21.34 -5.95 -11.30
CA ALA E 105 22.79 -5.91 -11.53
C ALA E 105 23.12 -4.62 -12.25
N GLY E 106 24.12 -3.90 -11.77
CA GLY E 106 24.79 -2.83 -12.52
C GLY E 106 24.04 -1.54 -12.47
N TYR E 107 24.07 -0.81 -13.59
CA TYR E 107 23.68 0.63 -13.68
C TYR E 107 22.73 0.82 -14.86
N PHE E 108 21.93 1.89 -14.75
CA PHE E 108 20.79 2.23 -15.64
C PHE E 108 20.83 3.74 -15.85
N GLU E 109 21.90 4.25 -16.49
CA GLU E 109 22.20 5.69 -16.54
C GLU E 109 21.96 6.26 -17.93
N GLU E 110 21.85 5.46 -18.98
CA GLU E 110 21.74 6.01 -20.35
C GLU E 110 20.48 5.52 -21.07
N SER E 111 20.43 4.27 -21.51
CA SER E 111 19.32 3.75 -22.35
C SER E 111 18.75 2.47 -21.72
N LEU E 112 17.48 2.14 -22.02
CA LEU E 112 16.77 0.99 -21.41
C LEU E 112 16.01 0.24 -22.49
N ILE E 113 15.98 -1.09 -22.41
CA ILE E 113 14.96 -1.90 -23.12
C ILE E 113 14.07 -2.60 -22.09
N THR E 114 12.75 -2.52 -22.25
CA THR E 114 11.80 -3.39 -21.53
C THR E 114 11.51 -4.53 -22.50
N THR E 115 12.02 -5.72 -22.22
CA THR E 115 12.00 -6.85 -23.19
C THR E 115 10.63 -7.54 -23.16
N TYR E 116 10.51 -8.49 -24.08
CA TYR E 116 9.47 -9.55 -24.10
C TYR E 116 9.57 -10.30 -22.77
N THR E 117 8.48 -10.92 -22.37
CA THR E 117 8.44 -11.79 -21.18
C THR E 117 8.29 -13.25 -21.64
N GLY E 118 8.48 -14.19 -20.72
CA GLY E 118 8.24 -15.62 -20.93
C GLY E 118 9.28 -16.46 -20.21
N LYS E 119 9.37 -17.73 -20.59
CA LYS E 119 10.32 -18.71 -20.03
C LYS E 119 11.70 -18.42 -20.62
N LEU E 120 12.64 -17.97 -19.79
CA LEU E 120 14.00 -17.57 -20.23
C LEU E 120 14.75 -18.83 -20.69
N ALA E 121 15.06 -18.94 -21.99
CA ALA E 121 15.58 -20.15 -22.65
C ALA E 121 17.07 -20.02 -22.98
N GLY E 122 17.57 -18.79 -23.05
CA GLY E 122 19.00 -18.56 -23.34
C GLY E 122 19.30 -17.10 -23.56
N ILE E 123 20.57 -16.80 -23.80
CA ILE E 123 21.05 -15.42 -24.05
C ILE E 123 22.01 -15.44 -25.25
N LYS E 124 22.32 -14.25 -25.73
CA LYS E 124 23.07 -14.04 -26.98
C LYS E 124 23.56 -12.59 -26.97
N GLY E 125 24.74 -12.36 -27.53
CA GLY E 125 25.33 -11.02 -27.68
C GLY E 125 26.80 -11.15 -27.97
N GLY E 126 27.58 -10.15 -27.61
CA GLY E 126 29.04 -10.25 -27.62
C GLY E 126 29.63 -9.80 -26.31
N ALA E 127 30.80 -10.32 -25.96
CA ALA E 127 31.56 -9.93 -24.76
C ALA E 127 33.05 -10.28 -24.95
N GLY E 128 33.95 -9.35 -24.64
CA GLY E 128 35.35 -9.67 -24.40
C GLY E 128 35.75 -9.38 -22.97
N SER E 129 36.03 -8.12 -22.71
CA SER E 129 36.47 -7.57 -21.42
C SER E 129 35.22 -7.14 -20.65
N ASP E 130 34.28 -6.59 -21.39
CA ASP E 130 32.96 -6.11 -20.93
C ASP E 130 31.89 -6.94 -21.65
N ILE E 131 30.63 -6.88 -21.21
CA ILE E 131 29.46 -7.36 -22.00
C ILE E 131 29.07 -6.23 -22.94
N ASP E 132 29.32 -6.43 -24.24
CA ASP E 132 29.19 -5.36 -25.26
C ASP E 132 27.70 -5.26 -25.57
N ARG E 133 27.04 -6.39 -25.69
CA ARG E 133 25.69 -6.50 -26.29
C ARG E 133 25.04 -7.76 -25.71
N LEU E 134 23.75 -7.68 -25.40
CA LEU E 134 22.98 -8.75 -24.70
C LEU E 134 21.54 -8.74 -25.19
N GLY E 135 21.09 -9.91 -25.60
CA GLY E 135 19.69 -10.20 -25.95
C GLY E 135 19.22 -11.40 -25.18
N LEU E 136 17.97 -11.38 -24.74
CA LEU E 136 17.38 -12.55 -24.07
C LEU E 136 16.74 -13.43 -25.14
N ILE E 137 16.51 -14.70 -24.84
CA ILE E 137 15.82 -15.65 -25.76
C ILE E 137 14.77 -16.37 -24.93
N PHE E 138 13.51 -16.39 -25.39
CA PHE E 138 12.38 -16.99 -24.64
C PHE E 138 11.73 -18.13 -25.43
N LEU E 139 11.23 -19.18 -24.76
CA LEU E 139 10.26 -20.19 -25.28
C LEU E 139 8.98 -19.50 -25.76
N LYS E 140 8.15 -20.20 -26.53
CA LYS E 140 6.75 -19.81 -26.82
C LYS E 140 5.82 -20.82 -26.12
N ASN F 2 -25.20 -15.96 27.42
CA ASN F 2 -25.11 -15.57 25.99
C ASN F 2 -24.09 -14.42 25.84
N TYR F 3 -23.23 -14.15 26.82
CA TYR F 3 -22.39 -12.93 26.92
C TYR F 3 -20.93 -13.31 27.18
N ILE F 4 -19.99 -12.60 26.58
CA ILE F 4 -18.51 -12.76 26.76
C ILE F 4 -18.00 -11.52 27.49
N TYR F 5 -17.29 -11.70 28.58
CA TYR F 5 -16.84 -10.60 29.47
C TYR F 5 -15.34 -10.42 29.22
N SER F 6 -14.94 -9.28 28.67
CA SER F 6 -13.51 -8.91 28.52
C SER F 6 -12.99 -8.54 29.90
N THR F 7 -11.72 -8.81 30.18
CA THR F 7 -11.05 -8.40 31.42
C THR F 7 -11.33 -6.92 31.73
N GLU F 8 -11.79 -6.62 32.94
CA GLU F 8 -11.87 -5.23 33.45
C GLU F 8 -10.44 -4.79 33.73
N VAL F 9 -10.00 -3.66 33.15
CA VAL F 9 -8.59 -3.20 33.27
C VAL F 9 -8.56 -1.85 33.98
N GLY F 10 -7.47 -1.57 34.71
CA GLY F 10 -7.30 -0.41 35.61
C GLY F 10 -7.56 -0.81 37.06
N GLY F 11 -7.85 0.18 37.91
CA GLY F 11 -7.79 0.09 39.39
C GLY F 11 -9.04 -0.47 40.05
N VAL F 12 -9.08 -0.50 41.38
CA VAL F 12 -10.23 -1.05 42.18
C VAL F 12 -11.14 0.09 42.64
N GLY F 13 -10.76 1.34 42.39
CA GLY F 13 -11.49 2.54 42.86
C GLY F 13 -12.76 2.79 42.06
N GLY F 14 -13.63 3.64 42.58
CA GLY F 14 -14.81 4.16 41.87
C GLY F 14 -16.04 3.35 42.17
N THR F 15 -17.20 3.96 42.00
CA THR F 15 -18.51 3.27 42.08
C THR F 15 -18.59 2.29 40.92
N PRO F 16 -18.89 1.00 41.16
CA PRO F 16 -19.20 0.06 40.09
C PRO F 16 -20.24 0.60 39.12
N PHE F 17 -20.29 0.03 37.91
CA PHE F 17 -21.37 0.30 36.94
C PHE F 17 -21.51 -0.89 35.99
N THR F 18 -22.74 -1.11 35.57
CA THR F 18 -23.10 -2.09 34.52
C THR F 18 -24.14 -1.47 33.59
N PHE F 19 -23.77 -1.28 32.33
CA PHE F 19 -24.68 -0.87 31.26
C PHE F 19 -24.89 -2.08 30.34
N MET F 20 -26.07 -2.67 30.40
CA MET F 20 -26.57 -3.74 29.52
C MET F 20 -28.11 -3.65 29.50
N GLN F 21 -28.79 -3.89 28.38
CA GLN F 21 -30.28 -3.95 28.36
C GLN F 21 -30.71 -5.32 27.86
N GLU F 22 -31.72 -5.92 28.49
CA GLU F 22 -32.32 -7.23 28.08
C GLU F 22 -32.50 -7.18 26.55
N SER F 23 -31.81 -8.04 25.79
CA SER F 23 -31.90 -8.21 24.31
C SER F 23 -31.72 -6.87 23.57
N GLY F 24 -30.61 -6.15 23.80
CA GLY F 24 -30.32 -4.79 23.25
C GLY F 24 -28.82 -4.51 23.23
N THR F 25 -28.29 -4.00 22.12
CA THR F 25 -26.82 -3.80 21.90
C THR F 25 -26.57 -2.30 21.89
N ILE F 26 -25.32 -1.89 22.07
CA ILE F 26 -24.91 -0.46 22.09
C ILE F 26 -24.98 0.11 20.66
N THR F 27 -25.55 1.31 20.56
CA THR F 27 -25.79 2.03 19.27
C THR F 27 -24.94 3.30 19.29
N SER F 28 -24.53 3.75 20.47
CA SER F 28 -23.69 4.96 20.64
C SER F 28 -22.84 4.83 21.91
N ILE F 29 -21.58 5.26 21.87
CA ILE F 29 -20.70 5.28 23.08
C ILE F 29 -19.77 6.48 23.02
N LYS F 30 -19.73 7.26 24.10
CA LYS F 30 -18.95 8.52 24.17
C LYS F 30 -17.86 8.33 25.22
N PHE F 31 -16.65 8.78 24.92
CA PHE F 31 -15.48 8.76 25.82
C PHE F 31 -14.98 10.20 25.99
N ASN F 32 -15.01 10.69 27.23
CA ASN F 32 -14.49 12.03 27.61
C ASN F 32 -13.15 11.80 28.32
N TRP F 33 -12.12 12.51 27.90
CA TRP F 33 -10.75 12.37 28.44
C TRP F 33 -10.08 13.75 28.53
N SER F 34 -8.95 13.87 29.25
CA SER F 34 -8.27 15.16 29.51
C SER F 34 -6.82 15.06 29.09
N ASP F 35 -6.27 16.16 28.57
CA ASP F 35 -4.82 16.29 28.29
C ASP F 35 -4.10 16.56 29.62
N GLN F 36 -4.79 17.09 30.62
CA GLN F 36 -4.20 17.46 31.94
C GLN F 36 -3.81 16.16 32.67
N TYR F 37 -4.74 15.25 32.85
CA TYR F 37 -4.53 14.01 33.65
C TYR F 37 -4.24 12.80 32.74
N LYS F 38 -4.43 12.91 31.42
CA LYS F 38 -4.20 11.82 30.42
C LYS F 38 -4.96 10.55 30.81
N LEU F 39 -6.23 10.66 31.20
CA LEU F 39 -7.11 9.51 31.54
C LEU F 39 -8.44 9.68 30.83
N LEU F 40 -9.26 8.63 30.87
CA LEU F 40 -10.71 8.74 30.64
C LEU F 40 -11.35 9.26 31.93
N HIS F 41 -12.30 10.19 31.81
CA HIS F 41 -13.06 10.74 32.96
C HIS F 41 -14.52 10.30 32.95
N HIS F 42 -15.11 10.10 31.78
CA HIS F 42 -16.58 9.93 31.62
C HIS F 42 -16.87 9.04 30.41
N ILE F 43 -17.86 8.16 30.51
CA ILE F 43 -18.41 7.37 29.37
C ILE F 43 -19.93 7.51 29.33
N GLU F 44 -20.52 7.78 28.16
CA GLU F 44 -21.98 7.71 27.97
C GLU F 44 -22.29 6.62 26.97
N VAL F 45 -23.40 5.90 27.16
CA VAL F 45 -23.86 4.76 26.32
C VAL F 45 -25.33 4.94 25.99
N LYS F 46 -25.73 4.66 24.76
CA LYS F 46 -27.15 4.54 24.32
C LYS F 46 -27.33 3.12 23.78
N PHE F 47 -28.54 2.57 23.86
CA PHE F 47 -28.84 1.19 23.39
C PHE F 47 -29.86 1.27 22.23
N ILE F 48 -30.00 0.20 21.44
CA ILE F 48 -31.04 0.08 20.36
C ILE F 48 -32.41 0.11 21.08
N ASN F 49 -33.40 0.82 20.50
CA ASN F 49 -34.82 0.88 20.98
C ASN F 49 -34.90 1.36 22.43
N ASN F 50 -34.12 2.39 22.79
CA ASN F 50 -34.03 2.93 24.18
C ASN F 50 -33.40 4.30 24.06
N ALA F 51 -34.08 5.32 24.58
CA ALA F 51 -33.69 6.74 24.43
C ALA F 51 -32.94 7.22 25.68
N ASN F 52 -32.90 6.43 26.75
CA ASN F 52 -32.14 6.75 27.98
C ASN F 52 -30.64 6.79 27.65
N ILE F 53 -29.96 7.82 28.16
CA ILE F 53 -28.47 7.93 28.16
C ILE F 53 -27.98 7.39 29.50
N TYR F 54 -27.15 6.36 29.49
CA TYR F 54 -26.45 5.81 30.69
C TYR F 54 -25.05 6.44 30.74
N ALA F 55 -24.72 7.08 31.84
CA ALA F 55 -23.46 7.82 31.98
C ALA F 55 -22.80 7.43 33.30
N THR F 56 -21.48 7.55 33.37
CA THR F 56 -20.68 7.28 34.58
C THR F 56 -19.37 8.06 34.49
N GLY F 57 -18.75 8.33 35.63
CA GLY F 57 -17.60 9.24 35.67
C GLY F 57 -18.07 10.67 35.63
N ASP F 58 -17.14 11.63 35.65
CA ASP F 58 -17.41 13.09 35.69
C ASP F 58 -16.88 13.70 34.40
N PRO F 59 -17.75 14.38 33.62
CA PRO F 59 -17.36 14.91 32.32
C PRO F 59 -16.50 16.15 32.41
N LYS F 60 -15.26 16.06 32.92
CA LYS F 60 -14.39 17.24 33.17
C LYS F 60 -13.33 17.32 32.09
N GLY F 61 -13.25 16.33 31.21
CA GLY F 61 -12.21 16.31 30.16
C GLY F 61 -12.46 17.37 29.10
N ASN F 62 -11.41 17.83 28.44
CA ASN F 62 -11.48 18.88 27.38
C ASN F 62 -11.68 18.29 25.97
N HIS F 63 -11.73 16.95 25.84
CA HIS F 63 -11.94 16.20 24.57
C HIS F 63 -13.07 15.17 24.74
N GLU F 64 -13.85 14.93 23.69
CA GLU F 64 -14.75 13.74 23.64
C GLU F 64 -14.76 13.15 22.24
N VAL F 65 -15.05 11.85 22.14
CA VAL F 65 -15.35 11.14 20.85
C VAL F 65 -16.59 10.28 21.04
N ILE F 66 -17.41 10.21 19.99
CA ILE F 66 -18.64 9.40 19.96
C ILE F 66 -18.44 8.44 18.82
N LEU F 67 -18.77 7.17 19.03
CA LEU F 67 -18.87 6.17 17.93
C LEU F 67 -20.31 5.72 17.87
N GLU F 68 -20.97 5.91 16.74
CA GLU F 68 -22.35 5.37 16.55
C GLU F 68 -22.18 4.03 15.82
N ILE F 69 -22.94 3.02 16.25
CA ILE F 69 -22.81 1.63 15.75
C ILE F 69 -24.13 1.26 15.05
N ASP F 70 -24.05 0.96 13.75
CA ASP F 70 -25.19 0.39 12.98
C ASP F 70 -25.59 -0.95 13.61
N ASP F 71 -26.83 -1.37 13.40
CA ASP F 71 -27.43 -2.52 14.13
C ASP F 71 -26.63 -3.78 13.80
N ASP F 72 -26.14 -3.93 12.57
CA ASP F 72 -25.42 -5.14 12.06
C ASP F 72 -23.89 -4.95 12.16
N GLU F 73 -23.43 -3.94 12.89
CA GLU F 73 -22.00 -3.53 12.91
C GLU F 73 -21.38 -4.13 14.17
N THR F 74 -20.25 -4.82 14.01
CA THR F 74 -19.48 -5.47 15.09
C THR F 74 -18.16 -4.75 15.31
N ILE F 75 -17.51 -5.05 16.44
CA ILE F 75 -16.14 -4.58 16.79
C ILE F 75 -15.21 -5.68 16.34
N ILE F 76 -14.22 -5.35 15.50
CA ILE F 76 -13.20 -6.33 14.99
C ILE F 76 -11.83 -6.02 15.57
N GLY F 77 -11.72 -4.90 16.24
CA GLY F 77 -10.46 -4.40 16.79
C GLY F 77 -10.79 -3.53 17.99
N SER F 78 -10.17 -3.84 19.12
CA SER F 78 -10.49 -3.15 20.37
C SER F 78 -9.28 -3.19 21.29
N VAL F 79 -8.82 -2.02 21.69
CA VAL F 79 -7.64 -1.84 22.55
C VAL F 79 -8.02 -0.85 23.63
N ILE F 80 -7.83 -1.23 24.89
CA ILE F 80 -7.94 -0.30 26.04
C ILE F 80 -6.57 -0.06 26.68
N GLY F 81 -6.20 1.22 26.83
CA GLY F 81 -4.99 1.71 27.50
C GLY F 81 -5.27 1.97 28.96
N TYR F 82 -4.35 1.61 29.85
CA TYR F 82 -4.56 1.73 31.30
C TYR F 82 -3.24 1.75 32.08
N LYS F 83 -3.37 2.19 33.33
CA LYS F 83 -2.34 2.10 34.39
C LYS F 83 -2.71 0.92 35.26
N LYS F 84 -1.83 -0.08 35.36
CA LYS F 84 -2.09 -1.28 36.17
C LYS F 84 -1.97 -0.93 37.65
N GLY F 85 -2.42 -1.83 38.54
CA GLY F 85 -2.33 -1.74 40.01
C GLY F 85 -3.66 -1.37 40.63
N ASN F 86 -3.77 -1.47 41.96
CA ASN F 86 -5.00 -1.09 42.72
C ASN F 86 -5.33 0.40 42.51
N ASP F 87 -4.34 1.28 42.38
CA ASP F 87 -4.58 2.74 42.18
C ASP F 87 -4.78 3.03 40.69
N GLY F 88 -5.11 1.99 39.91
CA GLY F 88 -5.12 2.06 38.44
C GLY F 88 -6.21 2.96 37.88
N ARG F 89 -6.05 3.32 36.62
CA ARG F 89 -7.04 4.11 35.84
C ARG F 89 -7.08 3.55 34.44
N CYS F 90 -8.20 3.70 33.76
CA CYS F 90 -8.32 3.46 32.31
C CYS F 90 -7.90 4.74 31.57
N THR F 91 -6.95 4.69 30.63
CA THR F 91 -6.39 5.93 30.05
C THR F 91 -6.82 6.14 28.59
N GLY F 92 -7.28 5.12 27.88
CA GLY F 92 -7.57 5.31 26.45
C GLY F 92 -8.33 4.15 25.88
N VAL F 93 -8.99 4.35 24.74
CA VAL F 93 -9.76 3.30 24.02
C VAL F 93 -9.57 3.55 22.53
N LYS F 94 -9.23 2.51 21.78
CA LYS F 94 -9.26 2.43 20.29
C LYS F 94 -10.29 1.38 19.94
N LEU F 95 -11.29 1.70 19.13
CA LEU F 95 -12.22 0.70 18.57
C LEU F 95 -12.18 0.79 17.05
N THR F 96 -12.32 -0.35 16.38
CA THR F 96 -12.47 -0.48 14.92
C THR F 96 -13.68 -1.36 14.67
N THR F 97 -14.54 -1.01 13.71
CA THR F 97 -15.78 -1.79 13.46
C THR F 97 -15.66 -2.62 12.17
N SER F 98 -16.64 -3.48 11.98
CA SER F 98 -16.79 -4.32 10.76
C SER F 98 -17.07 -3.46 9.53
N LYS F 99 -17.30 -2.15 9.63
CA LYS F 99 -17.52 -1.27 8.44
C LYS F 99 -16.39 -0.25 8.26
N GLY F 100 -15.20 -0.48 8.82
CA GLY F 100 -14.03 0.42 8.68
C GLY F 100 -14.16 1.72 9.47
N LYS F 101 -15.13 1.82 10.36
CA LYS F 101 -15.21 2.92 11.35
C LYS F 101 -14.18 2.64 12.44
N SER F 102 -13.52 3.69 12.86
CA SER F 102 -12.55 3.63 13.99
C SER F 102 -12.64 4.93 14.81
N ILE F 103 -12.46 4.81 16.12
CA ILE F 103 -12.32 5.98 17.03
C ILE F 103 -11.12 5.72 17.95
N MET F 104 -10.62 6.80 18.51
CA MET F 104 -9.39 6.86 19.31
C MET F 104 -9.64 7.91 20.38
N ALA F 105 -9.57 7.51 21.64
CA ALA F 105 -9.78 8.39 22.82
C ALA F 105 -8.61 8.21 23.80
N GLY F 106 -8.00 9.31 24.23
CA GLY F 106 -7.12 9.35 25.39
C GLY F 106 -5.71 8.93 25.03
N TYR F 107 -5.02 8.25 25.94
CA TYR F 107 -3.55 8.00 25.88
C TYR F 107 -3.28 6.51 26.10
N PHE F 108 -2.14 6.05 25.58
CA PHE F 108 -1.68 4.64 25.58
C PHE F 108 -0.22 4.60 26.02
N GLU F 109 0.05 5.00 27.27
CA GLU F 109 1.43 5.31 27.74
C GLU F 109 1.99 4.20 28.64
N GLU F 110 1.14 3.37 29.26
CA GLU F 110 1.59 2.31 30.20
C GLU F 110 1.22 0.91 29.70
N SER F 111 0.00 0.44 29.95
CA SER F 111 -0.48 -0.95 29.67
C SER F 111 -1.62 -0.95 28.64
N LEU F 112 -1.85 -2.10 28.01
CA LEU F 112 -2.77 -2.31 26.86
C LEU F 112 -3.40 -3.68 27.00
N ILE F 113 -4.71 -3.75 26.82
CA ILE F 113 -5.40 -5.04 26.52
C ILE F 113 -5.87 -4.94 25.07
N THR F 114 -5.65 -5.99 24.29
CA THR F 114 -6.37 -6.26 23.01
C THR F 114 -7.49 -7.24 23.37
N THR F 115 -8.74 -6.77 23.37
CA THR F 115 -9.89 -7.54 23.90
C THR F 115 -10.42 -8.53 22.86
N TYR F 116 -11.32 -9.40 23.32
CA TYR F 116 -12.26 -10.22 22.50
C TYR F 116 -12.94 -9.28 21.51
N THR F 117 -13.40 -9.85 20.40
CA THR F 117 -14.13 -9.09 19.35
C THR F 117 -15.57 -9.58 19.33
N GLY F 118 -16.42 -8.89 18.56
CA GLY F 118 -17.83 -9.24 18.35
C GLY F 118 -18.73 -8.04 18.54
N LYS F 119 -20.02 -8.30 18.75
CA LYS F 119 -21.10 -7.30 18.86
C LYS F 119 -21.07 -6.77 20.29
N LEU F 120 -20.51 -5.57 20.48
CA LEU F 120 -20.47 -4.83 21.76
C LEU F 120 -21.90 -4.67 22.29
N ALA F 121 -22.20 -5.35 23.41
CA ALA F 121 -23.52 -5.42 24.09
C ALA F 121 -23.60 -4.50 25.31
N GLY F 122 -22.46 -4.19 25.94
CA GLY F 122 -22.44 -3.34 27.13
C GLY F 122 -21.04 -3.10 27.68
N ILE F 123 -20.97 -2.36 28.77
CA ILE F 123 -19.69 -2.07 29.45
C ILE F 123 -19.91 -2.20 30.96
N LYS F 124 -18.83 -2.44 31.70
CA LYS F 124 -18.83 -2.65 33.17
C LYS F 124 -17.47 -2.18 33.64
N GLY F 125 -17.39 -1.69 34.87
CA GLY F 125 -16.15 -1.30 35.56
C GLY F 125 -16.45 -0.43 36.75
N GLY F 126 -15.57 0.55 36.98
CA GLY F 126 -15.75 1.47 38.11
C GLY F 126 -15.36 2.88 37.73
N ALA F 127 -16.12 3.86 38.17
CA ALA F 127 -15.83 5.27 37.84
C ALA F 127 -16.28 6.16 39.00
N GLY F 128 -15.53 7.24 39.25
CA GLY F 128 -15.91 8.36 40.13
C GLY F 128 -15.67 9.68 39.41
N SER F 129 -14.55 10.33 39.68
CA SER F 129 -14.16 11.52 38.90
C SER F 129 -13.40 11.06 37.65
N ASP F 130 -12.86 9.85 37.69
CA ASP F 130 -12.15 9.22 36.55
C ASP F 130 -12.84 7.88 36.23
N ILE F 131 -12.55 7.31 35.06
CA ILE F 131 -12.87 5.88 34.76
C ILE F 131 -11.73 5.05 35.33
N ASP F 132 -12.00 4.37 36.43
CA ASP F 132 -10.99 3.65 37.23
C ASP F 132 -10.67 2.36 36.48
N ARG F 133 -11.70 1.74 35.92
CA ARG F 133 -11.67 0.34 35.46
C ARG F 133 -12.73 0.23 34.37
N LEU F 134 -12.42 -0.49 33.28
CA LEU F 134 -13.33 -0.67 32.11
C LEU F 134 -13.19 -2.08 31.56
N GLY F 135 -14.30 -2.78 31.42
CA GLY F 135 -14.39 -4.04 30.66
C GLY F 135 -15.49 -3.94 29.63
N LEU F 136 -15.31 -4.60 28.48
CA LEU F 136 -16.33 -4.68 27.40
C LEU F 136 -17.13 -5.96 27.57
N ILE F 137 -18.36 -5.97 27.06
CA ILE F 137 -19.27 -7.13 27.11
C ILE F 137 -19.78 -7.37 25.69
N PHE F 138 -19.62 -8.59 25.17
CA PHE F 138 -20.01 -8.95 23.79
C PHE F 138 -21.13 -9.99 23.78
N LEU F 139 -21.98 -10.00 22.75
CA LEU F 139 -22.88 -11.13 22.41
C LEU F 139 -22.03 -12.28 21.88
N LYS F 140 -22.59 -13.46 21.67
CA LYS F 140 -21.92 -14.59 20.98
C LYS F 140 -22.54 -14.74 19.59
N ASP G 1 -40.28 7.15 12.91
CA ASP G 1 -39.84 7.54 11.55
C ASP G 1 -39.19 6.33 10.87
N ASN G 2 -38.97 6.42 9.55
CA ASN G 2 -38.18 5.44 8.76
C ASN G 2 -36.77 6.00 8.55
N TYR G 3 -36.25 6.70 9.57
CA TYR G 3 -34.96 7.44 9.53
C TYR G 3 -34.11 7.07 10.74
N ILE G 4 -32.79 7.18 10.60
CA ILE G 4 -31.80 7.11 11.70
C ILE G 4 -31.31 8.52 11.98
N TYR G 5 -31.28 8.94 13.25
CA TYR G 5 -30.88 10.31 13.65
C TYR G 5 -29.54 10.22 14.35
N SER G 6 -28.48 10.70 13.70
CA SER G 6 -27.13 10.83 14.30
C SER G 6 -27.19 11.89 15.41
N THR G 7 -26.42 11.72 16.48
CA THR G 7 -26.31 12.72 17.57
C THR G 7 -26.02 14.09 16.96
N GLU G 8 -26.75 15.13 17.38
CA GLU G 8 -26.40 16.54 17.02
C GLU G 8 -25.21 16.90 17.90
N VAL G 9 -24.11 17.33 17.29
CA VAL G 9 -22.89 17.72 18.03
C VAL G 9 -22.67 19.22 17.86
N GLY G 10 -22.16 19.82 18.92
CA GLY G 10 -21.89 21.25 19.03
C GLY G 10 -22.65 21.80 20.20
N GLY G 11 -23.01 23.08 20.15
CA GLY G 11 -23.55 23.82 21.30
C GLY G 11 -25.05 23.95 21.14
N VAL G 12 -25.67 24.73 22.03
CA VAL G 12 -27.14 24.92 22.13
C VAL G 12 -27.57 26.15 21.34
N GLY G 13 -26.60 26.96 20.88
CA GLY G 13 -26.87 28.24 20.19
C GLY G 13 -27.57 28.06 18.85
N GLY G 14 -27.77 29.17 18.12
CA GLY G 14 -28.35 29.26 16.77
C GLY G 14 -29.85 29.08 16.77
N THR G 15 -30.50 29.42 15.66
CA THR G 15 -31.88 28.98 15.31
C THR G 15 -31.83 27.52 14.90
N PRO G 16 -32.69 26.66 15.49
CA PRO G 16 -32.84 25.29 14.99
C PRO G 16 -33.08 25.24 13.47
N PHE G 17 -32.70 24.14 12.82
CA PHE G 17 -33.11 23.84 11.42
C PHE G 17 -33.27 22.32 11.29
N THR G 18 -34.22 21.91 10.45
CA THR G 18 -34.39 20.52 9.97
C THR G 18 -34.66 20.56 8.48
N PHE G 19 -33.85 19.83 7.70
CA PHE G 19 -33.99 19.68 6.24
C PHE G 19 -34.24 18.20 5.94
N MET G 20 -35.48 17.87 5.58
CA MET G 20 -35.92 16.52 5.11
C MET G 20 -36.94 16.71 3.99
N GLN G 21 -37.12 15.75 3.07
CA GLN G 21 -38.22 15.80 2.07
C GLN G 21 -38.98 14.47 2.14
N GLU G 22 -40.30 14.52 2.01
CA GLU G 22 -41.23 13.44 2.42
C GLU G 22 -40.70 12.11 1.89
N SER G 23 -40.27 11.98 0.65
CA SER G 23 -39.70 10.70 0.14
C SER G 23 -38.44 11.01 -0.68
N GLY G 24 -37.49 11.72 -0.06
CA GLY G 24 -36.36 12.37 -0.74
C GLY G 24 -35.04 12.12 -0.03
N THR G 25 -33.94 12.02 -0.79
CA THR G 25 -32.56 11.90 -0.26
C THR G 25 -31.78 13.11 -0.74
N ILE G 26 -30.77 13.51 0.03
CA ILE G 26 -29.84 14.61 -0.30
C ILE G 26 -29.09 14.24 -1.59
N THR G 27 -29.23 15.07 -2.64
CA THR G 27 -28.45 14.95 -3.90
C THR G 27 -27.25 15.89 -3.86
N SER G 28 -27.23 16.86 -2.95
CA SER G 28 -26.13 17.85 -2.92
C SER G 28 -26.00 18.42 -1.49
N ILE G 29 -24.78 18.51 -0.96
CA ILE G 29 -24.56 19.25 0.31
C ILE G 29 -23.32 20.12 0.15
N LYS G 30 -23.40 21.37 0.66
CA LYS G 30 -22.37 22.43 0.62
C LYS G 30 -21.99 22.84 2.04
N PHE G 31 -20.69 22.87 2.35
CA PHE G 31 -20.15 23.35 3.64
C PHE G 31 -19.28 24.59 3.38
N ASN G 32 -19.61 25.69 4.05
CA ASN G 32 -18.84 26.96 4.02
C ASN G 32 -18.12 27.10 5.37
N TRP G 33 -16.80 27.29 5.37
CA TRP G 33 -16.03 27.49 6.62
C TRP G 33 -15.01 28.61 6.44
N SER G 34 -14.37 29.02 7.54
CA SER G 34 -13.36 30.10 7.57
C SER G 34 -12.07 29.57 8.15
N ASP G 35 -10.93 30.01 7.60
CA ASP G 35 -9.62 29.83 8.28
C ASP G 35 -9.59 30.70 9.53
N GLN G 36 -10.22 31.89 9.51
CA GLN G 36 -10.13 32.90 10.59
C GLN G 36 -10.73 32.32 11.88
N TYR G 37 -11.93 31.74 11.83
CA TYR G 37 -12.63 31.20 13.03
C TYR G 37 -12.51 29.66 13.15
N LYS G 38 -12.04 28.97 12.11
CA LYS G 38 -11.85 27.48 12.09
C LYS G 38 -13.14 26.73 12.46
N LEU G 39 -14.30 27.23 12.02
CA LEU G 39 -15.65 26.63 12.20
C LEU G 39 -16.31 26.49 10.84
N LEU G 40 -17.38 25.72 10.79
CA LEU G 40 -18.38 25.87 9.71
C LEU G 40 -19.24 27.09 10.05
N HIS G 41 -19.59 27.84 9.03
CA HIS G 41 -20.48 29.00 9.11
C HIS G 41 -21.83 28.71 8.44
N HIS G 42 -21.88 27.89 7.39
CA HIS G 42 -23.04 27.85 6.46
C HIS G 42 -23.12 26.48 5.77
N ILE G 43 -24.34 25.94 5.61
CA ILE G 43 -24.63 24.63 4.95
C ILE G 43 -25.81 24.85 3.99
N GLU G 44 -25.68 24.29 2.78
CA GLU G 44 -26.75 24.26 1.76
C GLU G 44 -27.01 22.80 1.43
N VAL G 45 -28.27 22.44 1.20
CA VAL G 45 -28.67 21.07 0.82
C VAL G 45 -29.61 21.18 -0.37
N LYS G 46 -29.43 20.35 -1.41
CA LYS G 46 -30.46 20.11 -2.43
C LYS G 46 -30.89 18.66 -2.23
N PHE G 47 -32.13 18.37 -2.61
CA PHE G 47 -32.77 17.03 -2.55
C PHE G 47 -33.08 16.58 -3.98
N ILE G 48 -33.29 15.29 -4.11
CA ILE G 48 -33.68 14.64 -5.39
C ILE G 48 -35.03 15.25 -5.80
N ASN G 49 -35.28 15.55 -7.09
CA ASN G 49 -36.62 15.93 -7.64
C ASN G 49 -37.19 17.18 -6.96
N ASN G 50 -36.35 18.17 -6.66
CA ASN G 50 -36.74 19.40 -5.92
C ASN G 50 -35.60 20.39 -6.17
N ALA G 51 -35.95 21.56 -6.70
CA ALA G 51 -35.03 22.58 -7.25
C ALA G 51 -34.58 23.55 -6.13
N ASN G 52 -35.33 23.57 -5.03
CA ASN G 52 -35.10 24.44 -3.84
C ASN G 52 -33.73 24.09 -3.24
N ILE G 53 -32.95 25.12 -2.96
CA ILE G 53 -31.77 25.10 -2.07
C ILE G 53 -32.23 25.44 -0.65
N TYR G 54 -31.94 24.57 0.33
CA TYR G 54 -32.16 24.79 1.77
C TYR G 54 -30.83 25.21 2.38
N ALA G 55 -30.84 26.29 3.15
CA ALA G 55 -29.62 26.97 3.63
C ALA G 55 -29.82 27.43 5.07
N THR G 56 -28.73 27.49 5.83
CA THR G 56 -28.73 27.88 7.24
C THR G 56 -27.34 28.38 7.55
N GLY G 57 -27.24 29.30 8.50
CA GLY G 57 -25.97 29.94 8.84
C GLY G 57 -25.65 31.06 7.87
N ASP G 58 -24.59 31.79 8.19
CA ASP G 58 -24.07 32.96 7.45
C ASP G 58 -22.91 32.53 6.54
N PRO G 59 -23.02 32.69 5.21
CA PRO G 59 -21.92 32.30 4.32
C PRO G 59 -20.73 33.28 4.38
N LYS G 60 -20.10 33.36 5.54
CA LYS G 60 -19.06 34.36 5.89
C LYS G 60 -17.67 33.77 5.58
N GLY G 61 -17.61 32.49 5.22
CA GLY G 61 -16.33 31.75 5.19
C GLY G 61 -15.58 31.95 3.89
N ASN G 62 -14.25 31.83 3.91
CA ASN G 62 -13.39 32.01 2.72
C ASN G 62 -13.27 30.72 1.87
N HIS G 63 -13.75 29.58 2.38
CA HIS G 63 -13.77 28.28 1.63
C HIS G 63 -15.18 27.70 1.57
N GLU G 64 -15.48 26.96 0.52
CA GLU G 64 -16.65 26.04 0.46
C GLU G 64 -16.25 24.76 -0.28
N VAL G 65 -16.87 23.62 0.08
CA VAL G 65 -16.86 22.38 -0.73
C VAL G 65 -18.31 22.01 -0.99
N ILE G 66 -18.58 21.41 -2.14
CA ILE G 66 -19.87 20.76 -2.48
C ILE G 66 -19.59 19.27 -2.68
N LEU G 67 -20.44 18.39 -2.15
CA LEU G 67 -20.44 16.95 -2.51
C LEU G 67 -21.77 16.69 -3.22
N GLU G 68 -21.72 16.21 -4.45
CA GLU G 68 -22.93 15.74 -5.19
C GLU G 68 -23.04 14.24 -4.96
N ILE G 69 -24.25 13.76 -4.73
CA ILE G 69 -24.46 12.35 -4.38
C ILE G 69 -25.41 11.74 -5.43
N ASP G 70 -24.91 10.71 -6.14
CA ASP G 70 -25.68 9.91 -7.14
C ASP G 70 -26.84 9.25 -6.38
N ASP G 71 -27.90 8.87 -7.07
CA ASP G 71 -29.17 8.41 -6.44
C ASP G 71 -28.86 7.15 -5.64
N ASP G 72 -27.93 6.31 -6.11
CA ASP G 72 -27.64 4.96 -5.51
C ASP G 72 -26.39 5.00 -4.63
N GLU G 73 -25.88 6.20 -4.33
CA GLU G 73 -24.62 6.45 -3.57
C GLU G 73 -24.95 6.63 -2.07
N THR G 74 -24.21 5.91 -1.22
CA THR G 74 -24.34 5.98 0.25
C THR G 74 -23.09 6.61 0.90
N ILE G 75 -23.24 7.02 2.16
CA ILE G 75 -22.13 7.46 3.03
C ILE G 75 -21.70 6.22 3.78
N ILE G 76 -20.46 5.77 3.54
CA ILE G 76 -19.82 4.60 4.22
C ILE G 76 -18.87 5.09 5.31
N GLY G 77 -18.60 6.39 5.36
CA GLY G 77 -17.74 6.95 6.40
C GLY G 77 -17.99 8.42 6.61
N SER G 78 -18.15 8.84 7.85
CA SER G 78 -18.63 10.19 8.18
C SER G 78 -18.09 10.57 9.56
N VAL G 79 -17.42 11.71 9.63
CA VAL G 79 -16.79 12.24 10.87
C VAL G 79 -17.15 13.71 10.97
N ILE G 80 -17.58 14.16 12.13
CA ILE G 80 -17.87 15.60 12.37
C ILE G 80 -16.96 16.06 13.49
N GLY G 81 -16.13 17.04 13.19
CA GLY G 81 -15.32 17.74 14.21
C GLY G 81 -16.16 18.78 14.91
N TYR G 82 -15.95 18.98 16.22
CA TYR G 82 -16.69 20.00 16.99
C TYR G 82 -15.96 20.40 18.27
N LYS G 83 -16.34 21.56 18.78
CA LYS G 83 -16.13 22.03 20.17
C LYS G 83 -17.35 21.62 20.99
N LYS G 84 -17.14 20.90 22.09
CA LYS G 84 -18.24 20.39 22.94
C LYS G 84 -18.70 21.51 23.88
N GLY G 85 -19.76 21.26 24.66
CA GLY G 85 -20.31 22.20 25.65
C GLY G 85 -21.40 23.07 25.08
N ASN G 86 -22.07 23.83 25.95
CA ASN G 86 -23.21 24.75 25.60
C ASN G 86 -22.76 25.82 24.60
N ASP G 87 -21.56 26.39 24.76
CA ASP G 87 -21.02 27.41 23.81
C ASP G 87 -20.23 26.69 22.68
N GLY G 88 -20.53 25.41 22.45
CA GLY G 88 -19.90 24.61 21.39
C GLY G 88 -20.27 25.09 19.99
N ARG G 89 -19.46 24.64 19.03
CA ARG G 89 -19.57 24.95 17.60
C ARG G 89 -19.23 23.70 16.80
N CYS G 90 -19.77 23.60 15.61
CA CYS G 90 -19.39 22.51 14.67
C CYS G 90 -18.18 22.98 13.82
N THR G 91 -17.07 22.26 13.79
CA THR G 91 -15.80 22.80 13.22
C THR G 91 -15.46 22.17 11.87
N GLY G 92 -15.89 20.93 11.59
CA GLY G 92 -15.47 20.24 10.36
C GLY G 92 -16.33 19.04 10.04
N VAL G 93 -16.26 18.56 8.80
CA VAL G 93 -16.96 17.33 8.38
C VAL G 93 -16.09 16.65 7.33
N LYS G 94 -15.81 15.36 7.49
CA LYS G 94 -15.28 14.45 6.44
C LYS G 94 -16.43 13.51 6.07
N LEU G 95 -16.78 13.42 4.79
CA LEU G 95 -17.70 12.40 4.24
C LEU G 95 -16.95 11.54 3.20
N THR G 96 -17.30 10.26 3.14
CA THR G 96 -16.75 9.26 2.19
C THR G 96 -17.91 8.41 1.69
N THR G 97 -18.03 8.28 0.37
CA THR G 97 -19.20 7.62 -0.26
C THR G 97 -18.81 6.19 -0.69
N SER G 98 -19.84 5.41 -0.98
CA SER G 98 -19.75 4.04 -1.55
C SER G 98 -19.07 4.04 -2.93
N LYS G 99 -18.90 5.19 -3.55
CA LYS G 99 -18.26 5.27 -4.89
C LYS G 99 -16.88 5.92 -4.75
N GLY G 100 -16.30 5.91 -3.57
CA GLY G 100 -14.92 6.41 -3.40
C GLY G 100 -14.82 7.92 -3.47
N LYS G 101 -15.94 8.62 -3.51
CA LYS G 101 -15.93 10.10 -3.38
C LYS G 101 -15.77 10.42 -1.89
N SER G 102 -15.03 11.47 -1.60
CA SER G 102 -14.81 12.00 -0.25
C SER G 102 -14.74 13.53 -0.33
N ILE G 103 -15.09 14.22 0.76
CA ILE G 103 -14.90 15.70 0.91
C ILE G 103 -14.42 15.94 2.33
N MET G 104 -13.80 17.08 2.51
CA MET G 104 -13.19 17.51 3.78
C MET G 104 -13.47 19.01 3.90
N ALA G 105 -14.10 19.43 4.98
CA ALA G 105 -14.41 20.85 5.22
C ALA G 105 -13.99 21.18 6.64
N GLY G 106 -13.34 22.32 6.83
CA GLY G 106 -13.07 22.89 8.16
C GLY G 106 -11.99 22.14 8.91
N TYR G 107 -12.10 22.16 10.23
CA TYR G 107 -11.01 21.84 11.18
C TYR G 107 -11.49 20.79 12.17
N PHE G 108 -10.54 20.05 12.74
CA PHE G 108 -10.76 18.85 13.60
C PHE G 108 -9.85 18.94 14.81
N GLU G 109 -10.04 19.97 15.63
CA GLU G 109 -9.03 20.41 16.64
C GLU G 109 -9.51 20.07 18.05
N GLU G 110 -10.73 19.59 18.26
CA GLU G 110 -11.15 19.24 19.65
C GLU G 110 -11.83 17.85 19.72
N SER G 111 -13.09 17.76 19.33
CA SER G 111 -13.92 16.54 19.52
C SER G 111 -14.33 16.01 18.16
N LEU G 112 -14.66 14.71 18.10
CA LEU G 112 -15.00 13.97 16.86
C LEU G 112 -16.17 13.02 17.11
N ILE G 113 -17.18 13.03 16.24
CA ILE G 113 -18.14 11.92 16.16
C ILE G 113 -17.91 11.20 14.84
N THR G 114 -17.83 9.88 14.91
CA THR G 114 -17.95 8.94 13.77
C THR G 114 -19.38 8.44 13.75
N THR G 115 -20.12 8.87 12.75
CA THR G 115 -21.57 8.74 12.76
C THR G 115 -21.97 7.39 12.19
N TYR G 116 -23.27 7.18 12.21
CA TYR G 116 -23.95 6.04 11.58
C TYR G 116 -23.75 6.18 10.09
N THR G 117 -23.70 5.07 9.39
CA THR G 117 -23.55 5.18 7.92
C THR G 117 -24.89 4.92 7.27
N GLY G 118 -24.98 5.13 5.96
CA GLY G 118 -26.18 4.85 5.17
C GLY G 118 -26.43 5.91 4.08
N LYS G 119 -27.68 5.98 3.63
CA LYS G 119 -28.15 6.90 2.57
C LYS G 119 -28.57 8.20 3.26
N LEU G 120 -27.76 9.26 3.11
CA LEU G 120 -27.94 10.60 3.72
C LEU G 120 -29.29 11.18 3.24
N ALA G 121 -30.27 11.33 4.14
CA ALA G 121 -31.65 11.75 3.81
C ALA G 121 -31.92 13.17 4.34
N GLY G 122 -31.03 13.74 5.16
CA GLY G 122 -31.27 15.03 5.81
C GLY G 122 -30.21 15.43 6.83
N ILE G 123 -30.32 16.64 7.35
CA ILE G 123 -29.51 17.22 8.44
C ILE G 123 -30.42 18.02 9.37
N LYS G 124 -30.04 18.09 10.63
CA LYS G 124 -30.75 18.85 11.70
C LYS G 124 -29.63 19.51 12.51
N GLY G 125 -29.90 20.67 13.09
CA GLY G 125 -29.03 21.27 14.12
C GLY G 125 -29.49 22.67 14.43
N GLY G 126 -28.54 23.57 14.73
CA GLY G 126 -28.82 25.00 14.93
C GLY G 126 -27.74 25.83 14.30
N ALA G 127 -28.06 27.02 13.83
CA ALA G 127 -27.03 27.89 13.23
C ALA G 127 -27.42 29.35 13.34
N GLY G 128 -26.42 30.21 13.43
CA GLY G 128 -26.62 31.66 13.34
C GLY G 128 -25.56 32.27 12.47
N SER G 129 -24.54 32.79 13.10
CA SER G 129 -23.33 33.29 12.43
C SER G 129 -22.52 32.08 11.98
N ASP G 130 -22.55 31.06 12.82
CA ASP G 130 -21.80 29.80 12.68
C ASP G 130 -22.79 28.63 12.65
N ILE G 131 -22.30 27.43 12.34
CA ILE G 131 -23.03 26.14 12.51
C ILE G 131 -22.77 25.67 13.94
N ASP G 132 -23.76 25.86 14.79
CA ASP G 132 -23.64 25.67 16.26
C ASP G 132 -23.62 24.16 16.57
N ARG G 133 -24.59 23.43 16.03
CA ARG G 133 -24.72 21.96 16.22
C ARG G 133 -25.08 21.38 14.85
N LEU G 134 -24.70 20.13 14.59
CA LEU G 134 -25.10 19.43 13.34
C LEU G 134 -25.26 17.93 13.63
N GLY G 135 -26.35 17.37 13.12
CA GLY G 135 -26.59 15.92 13.10
C GLY G 135 -27.02 15.48 11.72
N LEU G 136 -26.55 14.33 11.28
CA LEU G 136 -27.00 13.74 10.00
C LEU G 136 -28.26 12.92 10.26
N ILE G 137 -29.04 12.71 9.21
CA ILE G 137 -30.21 11.80 9.18
C ILE G 137 -30.03 10.83 8.00
N PHE G 138 -30.20 9.54 8.25
CA PHE G 138 -30.11 8.48 7.23
C PHE G 138 -31.46 7.78 7.08
N LEU G 139 -31.70 7.21 5.90
CA LEU G 139 -32.77 6.20 5.64
C LEU G 139 -32.40 4.91 6.36
N LYS G 140 -33.38 4.07 6.72
CA LYS G 140 -33.16 2.77 7.42
C LYS G 140 -32.86 1.67 6.40
#